data_7XPL
#
_entry.id   7XPL
#
_cell.length_a   68.088
_cell.length_b   76.185
_cell.length_c   98.201
_cell.angle_alpha   92.860
_cell.angle_beta   94.080
_cell.angle_gamma   112.910
#
_symmetry.space_group_name_H-M   'P 1'
#
loop_
_entity.id
_entity.type
_entity.pdbx_description
1 polymer 'C/D box methylation guide ribonucleoprotein complex aNOP56 subunit'
2 polymer "Fibrillarin-like rRNA/tRNA 2'-O-methyltransferase"
3 polymer 'BMG3 RNA strand A'
4 polymer 'BMG3 RNA strand B'
5 polymer "RNA (5'-R(*CP*CP*AP*UP*GP*AP*GP*UP*GP*UP*U)-3')"
6 non-polymer S-ADENOSYL-L-HOMOCYSTEINE
7 water water
#
loop_
_entity_poly.entity_id
_entity_poly.type
_entity_poly.pdbx_seq_one_letter_code
_entity_poly.pdbx_strand_id
1 'polypeptide(L)'
;MVKIYLIEHVIGAVAYDENGNIVDYITNPRDLGKITEELLNNEKGIPFSATVELLKKVNPQEVVVENEAEVPKLQALGYR
VSYEPYSKVSRIFRESLPKVAIDIKFASNEEDYYNFLHELSLEYTRRKLRSAAQKRDLLAIQAVRAMDDIDKTINLFSER
LREWYSIHFPELDKLIEDHEEYATIVSRFGDRGFLTIDSLKELGFNEQRINRILDAAKKSIGADISEDDLSAMRMIANTI
LDLYNIRRNLNNYLEGVMKEVAPNVTALVGPALGARLLSIAGSLDELAKMPASTIQVLGAEKALFRALRSGGRPPKHGII
FQYPAIHTSPRWQRGKIARALAAKLAIAARVDAFSGRFIGDQLNEQLKKRIDEIKEKFAQHHHHHHHH
;
A,B
2 'polypeptide(L)'
;MSEVITVKQTNMENIYECEFNDGSFRLCTRNLVPNFNVYGERLIKYEGVEYREWNAFRSKLAGAILKGLKTNPIRKGTKV
LYLGAASGTTISHVSDIIELNGKAYGVEFSPRVVRELLLVAQRRPNIFPLLADARFPQSYKSVVENVDVLYVDIAQPDQT
DIAIYNAKFFLKVNGDMLLVIKARSIDVTKDPKEIYKTEVEKLENSNFETIQIINLDPYDKDHAIVLSKYKG
;
E,F
3 'polyribonucleotide' GGGAGUCUGAACACUCAUGGUCUUCGCCC G
4 'polyribonucleotide' GGGCGAUGGAACACUCAUGGUAGACUCCC H
5 'polyribonucleotide' CCAUGAGUGUU I,J
#
loop_
_chem_comp.id
_chem_comp.type
_chem_comp.name
_chem_comp.formula
A RNA linking ADENOSINE-5'-MONOPHOSPHATE 'C10 H14 N5 O7 P'
C RNA linking CYTIDINE-5'-MONOPHOSPHATE 'C9 H14 N3 O8 P'
G RNA linking GUANOSINE-5'-MONOPHOSPHATE 'C10 H14 N5 O8 P'
U RNA linking URIDINE-5'-MONOPHOSPHATE 'C9 H13 N2 O9 P'
#
# COMPACT_ATOMS: atom_id res chain seq x y z
N LYS A 3 52.24 -39.26 7.89
CA LYS A 3 51.00 -38.69 7.40
C LYS A 3 50.08 -38.19 8.54
N ILE A 4 49.82 -36.89 8.54
CA ILE A 4 49.26 -36.17 9.68
C ILE A 4 47.96 -35.49 9.28
N TYR A 5 46.95 -35.63 10.14
CA TYR A 5 45.71 -34.87 10.03
C TYR A 5 45.84 -33.64 10.92
N LEU A 6 45.77 -32.46 10.32
CA LEU A 6 45.85 -31.22 11.07
C LEU A 6 44.46 -30.86 11.57
N ILE A 7 44.34 -30.70 12.88
CA ILE A 7 43.12 -30.17 13.51
C ILE A 7 43.45 -28.75 13.94
N GLU A 8 42.62 -27.80 13.52
CA GLU A 8 42.72 -26.42 13.98
C GLU A 8 41.40 -26.05 14.65
N HIS A 9 41.45 -25.70 15.92
CA HIS A 9 40.27 -25.46 16.71
C HIS A 9 40.54 -24.26 17.63
N VAL A 10 39.49 -23.71 18.23
CA VAL A 10 39.64 -22.76 19.33
C VAL A 10 40.77 -23.20 20.26
N ILE A 11 40.83 -24.49 20.63
CA ILE A 11 41.78 -24.88 21.65
C ILE A 11 43.22 -24.90 21.14
N GLY A 12 43.41 -24.97 19.83
CA GLY A 12 44.77 -24.88 19.30
C GLY A 12 44.94 -25.71 18.03
N ALA A 13 46.16 -26.17 17.82
CA ALA A 13 46.47 -26.99 16.67
C ALA A 13 46.88 -28.36 17.17
N VAL A 14 46.19 -29.39 16.67
CA VAL A 14 46.50 -30.76 17.04
C VAL A 14 46.91 -31.51 15.78
N ALA A 15 47.99 -32.28 15.88
CA ALA A 15 48.41 -33.21 14.83
C ALA A 15 47.97 -34.62 15.20
N TYR A 16 47.16 -35.22 14.35
CA TYR A 16 46.71 -36.59 14.55
C TYR A 16 47.32 -37.52 13.51
N ASP A 17 47.57 -38.78 13.91
CA ASP A 17 47.88 -39.77 12.88
C ASP A 17 46.57 -40.27 12.27
N GLU A 18 46.71 -41.15 11.28
CA GLU A 18 45.56 -41.58 10.49
C GLU A 18 44.49 -42.26 11.32
N ASN A 19 44.80 -42.70 12.53
CA ASN A 19 43.84 -43.49 13.29
C ASN A 19 43.23 -42.74 14.45
N GLY A 20 43.48 -41.44 14.57
CA GLY A 20 42.89 -40.66 15.63
C GLY A 20 43.76 -40.52 16.87
N ASN A 21 45.05 -40.84 16.78
CA ASN A 21 45.96 -40.68 17.91
C ASN A 21 46.68 -39.34 17.83
N ILE A 22 46.80 -38.66 18.96
CA ILE A 22 47.49 -37.37 18.99
C ILE A 22 49.00 -37.58 18.89
N VAL A 23 49.59 -37.10 17.80
CA VAL A 23 51.04 -37.07 17.66
C VAL A 23 51.65 -35.92 18.46
N ASP A 24 51.12 -34.73 18.28
CA ASP A 24 51.62 -33.59 19.05
C ASP A 24 50.56 -32.48 18.99
N TYR A 25 50.81 -31.40 19.72
CA TYR A 25 49.84 -30.32 19.76
C TYR A 25 50.54 -29.05 20.19
N ILE A 26 49.91 -27.92 19.84
CA ILE A 26 50.28 -26.60 20.35
C ILE A 26 48.98 -25.94 20.77
N THR A 27 48.88 -25.57 22.03
CA THR A 27 47.62 -25.06 22.57
C THR A 27 47.56 -23.56 22.43
N ASN A 28 46.43 -23.06 21.91
CA ASN A 28 46.21 -21.65 21.79
C ASN A 28 46.31 -20.96 23.15
N PRO A 29 46.65 -19.69 23.17
CA PRO A 29 46.57 -18.92 24.41
C PRO A 29 45.13 -18.54 24.73
N ARG A 30 44.84 -18.46 26.02
CA ARG A 30 43.51 -18.09 26.49
C ARG A 30 43.22 -16.61 26.25
N ASP A 31 43.24 -16.20 24.99
CA ASP A 31 43.12 -14.78 24.62
C ASP A 31 41.99 -14.65 23.60
N LEU A 32 40.89 -14.04 24.01
CA LEU A 32 39.74 -13.95 23.12
C LEU A 32 40.11 -13.22 21.83
N GLY A 33 40.82 -12.10 21.95
CA GLY A 33 41.14 -11.30 20.78
C GLY A 33 42.01 -12.07 19.80
N LYS A 34 43.05 -12.74 20.30
CA LYS A 34 43.96 -13.46 19.45
C LYS A 34 43.25 -14.60 18.71
N ILE A 35 42.54 -15.43 19.46
CA ILE A 35 41.89 -16.59 18.83
C ILE A 35 40.87 -16.13 17.81
N THR A 36 40.09 -15.10 18.14
CA THR A 36 39.10 -14.58 17.20
C THR A 36 39.74 -14.14 15.89
N GLU A 37 40.86 -13.40 15.99
CA GLU A 37 41.56 -12.98 14.79
C GLU A 37 42.07 -14.16 14.01
N GLU A 38 42.62 -15.17 14.69
CA GLU A 38 43.15 -16.32 13.97
C GLU A 38 42.02 -17.15 13.35
N LEU A 39 40.84 -17.14 13.96
CA LEU A 39 39.71 -17.82 13.34
C LEU A 39 39.30 -17.11 12.05
N LEU A 40 39.31 -15.78 12.06
CA LEU A 40 38.90 -15.02 10.89
C LEU A 40 39.89 -15.21 9.75
N ASN A 41 41.17 -15.10 10.04
CA ASN A 41 42.18 -15.37 9.02
C ASN A 41 42.05 -16.79 8.48
N ASN A 42 41.66 -17.74 9.33
CA ASN A 42 41.70 -19.15 8.95
C ASN A 42 40.62 -19.49 7.93
N GLU A 43 39.41 -18.97 8.10
CA GLU A 43 38.37 -19.21 7.09
C GLU A 43 38.81 -18.73 5.71
N LYS A 44 39.74 -17.78 5.66
CA LYS A 44 40.38 -17.33 4.44
C LYS A 44 41.60 -18.20 4.07
N GLY A 45 41.85 -19.30 4.78
CA GLY A 45 42.95 -20.20 4.51
C GLY A 45 44.25 -19.90 5.22
N ILE A 46 44.29 -18.89 6.09
CA ILE A 46 45.56 -18.53 6.73
C ILE A 46 45.75 -19.43 7.94
N PRO A 47 46.81 -20.23 7.99
CA PRO A 47 46.97 -21.16 9.12
C PRO A 47 47.21 -20.43 10.43
N PHE A 48 46.75 -21.04 11.52
CA PHE A 48 47.07 -20.57 12.86
C PHE A 48 48.57 -20.41 13.05
N SER A 49 48.96 -19.41 13.84
CA SER A 49 50.34 -19.35 14.27
C SER A 49 50.74 -20.61 15.04
N ALA A 50 49.81 -21.20 15.80
CA ALA A 50 50.11 -22.47 16.45
C ALA A 50 50.34 -23.57 15.43
N THR A 51 49.60 -23.55 14.33
CA THR A 51 49.79 -24.54 13.28
C THR A 51 51.20 -24.45 12.69
N VAL A 52 51.61 -23.24 12.33
CA VAL A 52 52.97 -23.05 11.83
C VAL A 52 53.96 -23.64 12.83
N GLU A 53 53.81 -23.30 14.11
CA GLU A 53 54.75 -23.83 15.11
C GLU A 53 54.67 -25.35 15.18
N LEU A 54 53.45 -25.91 15.11
CA LEU A 54 53.26 -27.34 15.24
C LEU A 54 53.93 -28.10 14.11
N LEU A 55 53.70 -27.66 12.86
CA LEU A 55 54.17 -28.45 11.72
C LEU A 55 55.69 -28.48 11.64
N LYS A 56 56.34 -27.37 12.02
CA LYS A 56 57.78 -27.36 12.13
C LYS A 56 58.27 -28.37 13.16
N LYS A 57 57.53 -28.55 14.26
CA LYS A 57 57.89 -29.55 15.26
C LYS A 57 57.69 -30.96 14.72
N VAL A 58 56.53 -31.23 14.13
CA VAL A 58 56.20 -32.59 13.70
C VAL A 58 57.00 -33.01 12.45
N ASN A 59 57.36 -32.06 11.59
CA ASN A 59 58.00 -32.33 10.30
C ASN A 59 57.27 -33.40 9.48
N PRO A 60 55.98 -33.22 9.24
CA PRO A 60 55.20 -34.30 8.63
C PRO A 60 55.65 -34.61 7.21
N GLN A 61 55.37 -35.85 6.81
CA GLN A 61 55.57 -36.21 5.40
C GLN A 61 54.41 -35.73 4.54
N GLU A 62 53.20 -35.76 5.10
CA GLU A 62 52.02 -35.24 4.43
C GLU A 62 51.08 -34.66 5.48
N VAL A 63 50.29 -33.66 5.07
CA VAL A 63 49.35 -32.98 5.95
C VAL A 63 47.99 -32.96 5.28
N VAL A 64 46.98 -33.48 5.98
CA VAL A 64 45.59 -33.37 5.54
C VAL A 64 44.96 -32.22 6.33
N VAL A 65 44.34 -31.29 5.59
CA VAL A 65 43.75 -30.11 6.21
C VAL A 65 42.24 -30.22 6.03
N GLU A 66 41.54 -29.47 6.87
CA GLU A 66 40.08 -29.46 6.90
C GLU A 66 39.48 -28.35 6.05
N ASN A 67 40.24 -27.30 5.76
CA ASN A 67 39.77 -26.17 4.98
C ASN A 67 40.59 -26.10 3.69
N GLU A 68 39.91 -26.25 2.55
CA GLU A 68 40.59 -26.33 1.26
C GLU A 68 41.40 -25.08 0.95
N ALA A 69 40.90 -23.90 1.35
CA ALA A 69 41.61 -22.66 1.13
C ALA A 69 42.99 -22.67 1.77
N GLU A 70 43.22 -23.57 2.72
CA GLU A 70 44.48 -23.61 3.42
C GLU A 70 45.57 -24.39 2.67
N VAL A 71 45.18 -25.25 1.73
CA VAL A 71 46.11 -26.11 0.99
C VAL A 71 47.23 -25.30 0.34
N PRO A 72 46.95 -24.30 -0.52
CA PRO A 72 48.05 -23.53 -1.12
C PRO A 72 48.93 -22.81 -0.09
N LYS A 73 48.36 -22.35 1.02
CA LYS A 73 49.17 -21.60 1.98
C LYS A 73 50.18 -22.51 2.67
N LEU A 74 49.80 -23.74 2.98
CA LEU A 74 50.74 -24.64 3.63
C LEU A 74 51.73 -25.18 2.62
N GLN A 75 51.31 -25.35 1.37
CA GLN A 75 52.26 -25.72 0.32
C GLN A 75 53.35 -24.67 0.17
N ALA A 76 52.97 -23.37 0.24
CA ALA A 76 53.96 -22.32 0.14
C ALA A 76 54.95 -22.34 1.29
N LEU A 77 54.70 -23.16 2.30
CA LEU A 77 55.65 -23.33 3.40
C LEU A 77 56.52 -24.55 3.20
N GLY A 78 56.31 -25.31 2.12
CA GLY A 78 57.13 -26.45 1.78
C GLY A 78 56.55 -27.82 2.07
N TYR A 79 55.30 -27.90 2.51
CA TYR A 79 54.69 -29.18 2.87
C TYR A 79 53.91 -29.78 1.71
N ARG A 80 53.84 -31.12 1.72
CA ARG A 80 52.85 -31.85 0.92
C ARG A 80 51.51 -31.81 1.62
N VAL A 81 50.46 -31.38 0.92
CA VAL A 81 49.20 -31.05 1.58
C VAL A 81 48.03 -31.57 0.72
N SER A 82 47.04 -32.15 1.38
CA SER A 82 45.78 -32.50 0.76
C SER A 82 44.61 -32.06 1.64
N TYR A 83 43.45 -32.01 1.02
CA TYR A 83 42.21 -31.58 1.64
C TYR A 83 41.27 -32.76 1.70
N GLU A 84 40.64 -32.96 2.85
CA GLU A 84 39.67 -34.04 3.00
C GLU A 84 38.43 -33.45 3.68
N PRO A 85 37.26 -33.56 3.06
CA PRO A 85 36.04 -33.13 3.73
C PRO A 85 35.66 -34.08 4.86
N TYR A 86 35.08 -33.50 5.93
CA TYR A 86 34.56 -34.22 7.09
C TYR A 86 35.29 -35.53 7.38
N SER A 87 36.62 -35.48 7.54
CA SER A 87 37.40 -36.68 7.75
C SER A 87 37.02 -37.39 9.05
N LYS A 88 37.25 -38.71 9.05
CA LYS A 88 37.02 -39.54 10.23
C LYS A 88 37.85 -39.04 11.40
N VAL A 89 39.08 -38.65 11.15
CA VAL A 89 39.95 -38.21 12.24
C VAL A 89 39.40 -36.94 12.88
N SER A 90 38.89 -36.01 12.06
CA SER A 90 38.35 -34.78 12.63
C SER A 90 37.06 -35.05 13.40
N ARG A 91 36.26 -36.02 12.93
CA ARG A 91 35.13 -36.45 13.75
C ARG A 91 35.60 -37.06 15.06
N ILE A 92 36.71 -37.79 15.04
CA ILE A 92 37.20 -38.35 16.30
C ILE A 92 37.65 -37.24 17.22
N PHE A 93 38.30 -36.21 16.67
CA PHE A 93 38.67 -35.05 17.48
C PHE A 93 37.44 -34.44 18.16
N ARG A 94 36.37 -34.21 17.39
CA ARG A 94 35.26 -33.43 17.92
C ARG A 94 34.46 -34.22 18.95
N GLU A 95 34.38 -35.54 18.78
CA GLU A 95 33.72 -36.39 19.75
C GLU A 95 34.54 -36.58 21.02
N SER A 96 35.78 -36.09 21.05
CA SER A 96 36.60 -36.15 22.25
C SER A 96 36.62 -34.82 22.99
N LEU A 97 35.88 -33.82 22.51
CA LEU A 97 35.65 -32.60 23.25
C LEU A 97 34.53 -32.82 24.28
N PRO A 98 34.60 -32.15 25.43
CA PRO A 98 35.60 -31.16 25.86
C PRO A 98 36.83 -31.74 26.53
N LYS A 99 36.87 -33.06 26.73
CA LYS A 99 37.98 -33.67 27.46
C LYS A 99 39.33 -33.32 26.82
N VAL A 100 39.45 -33.42 25.50
CA VAL A 100 40.74 -33.14 24.87
C VAL A 100 41.20 -31.71 25.16
N ALA A 101 40.27 -30.78 25.35
CA ALA A 101 40.66 -29.44 25.75
C ALA A 101 41.25 -29.41 27.15
N ILE A 102 40.83 -30.32 28.02
CA ILE A 102 41.48 -30.42 29.32
C ILE A 102 42.83 -31.14 29.21
N ASP A 103 42.91 -32.16 28.35
CA ASP A 103 44.16 -32.93 28.20
C ASP A 103 45.31 -32.06 27.70
N ILE A 104 45.06 -31.18 26.73
CA ILE A 104 46.14 -30.35 26.22
C ILE A 104 46.26 -29.07 27.04
N LYS A 105 45.58 -29.01 28.18
CA LYS A 105 45.72 -27.91 29.14
C LYS A 105 45.28 -26.57 28.58
N PHE A 106 44.39 -26.55 27.60
CA PHE A 106 43.77 -25.28 27.23
C PHE A 106 42.79 -24.81 28.30
N ALA A 107 42.15 -25.73 29.03
CA ALA A 107 41.21 -25.39 30.09
C ALA A 107 41.35 -26.33 31.28
N SER A 108 41.01 -25.81 32.48
CA SER A 108 41.11 -26.57 33.72
C SER A 108 40.08 -27.68 33.80
N ASN A 109 38.86 -27.42 33.31
CA ASN A 109 37.78 -28.37 33.43
C ASN A 109 36.72 -28.01 32.38
N GLU A 110 35.65 -28.81 32.36
CA GLU A 110 34.59 -28.60 31.37
C GLU A 110 34.01 -27.20 31.45
N GLU A 111 33.62 -26.80 32.66
CA GLU A 111 32.95 -25.53 32.87
C GLU A 111 33.85 -24.38 32.44
N ASP A 112 35.14 -24.48 32.75
CA ASP A 112 36.08 -23.46 32.29
C ASP A 112 36.12 -23.42 30.77
N TYR A 113 36.15 -24.59 30.12
CA TYR A 113 36.20 -24.65 28.66
C TYR A 113 34.98 -23.98 28.04
N TYR A 114 33.78 -24.34 28.50
CA TYR A 114 32.55 -23.77 27.94
C TYR A 114 32.34 -22.31 28.31
N ASN A 115 32.73 -21.88 29.51
CA ASN A 115 32.72 -20.45 29.78
C ASN A 115 33.49 -19.70 28.70
N PHE A 116 34.71 -20.16 28.39
CA PHE A 116 35.53 -19.46 27.40
C PHE A 116 34.96 -19.62 26.00
N LEU A 117 34.47 -20.80 25.67
CA LEU A 117 33.93 -21.01 24.33
C LEU A 117 32.77 -20.06 24.08
N HIS A 118 31.90 -19.88 25.08
CA HIS A 118 30.77 -18.98 24.95
C HIS A 118 31.23 -17.56 24.68
N GLU A 119 32.18 -17.06 25.47
CA GLU A 119 32.66 -15.71 25.22
C GLU A 119 33.31 -15.61 23.84
N LEU A 120 34.01 -16.67 23.42
CA LEU A 120 34.60 -16.69 22.09
C LEU A 120 33.53 -16.56 21.01
N SER A 121 32.47 -17.37 21.10
CA SER A 121 31.44 -17.31 20.05
C SER A 121 30.81 -15.93 19.98
N LEU A 122 30.61 -15.27 21.13
CA LEU A 122 30.07 -13.91 21.10
C LEU A 122 31.03 -12.95 20.43
N GLU A 123 32.32 -13.04 20.76
CA GLU A 123 33.28 -12.11 20.17
C GLU A 123 33.50 -12.39 18.68
N TYR A 124 33.48 -13.67 18.30
CA TYR A 124 33.55 -14.02 16.89
C TYR A 124 32.36 -13.44 16.14
N THR A 125 31.16 -13.68 16.67
CA THR A 125 29.97 -13.18 16.01
C THR A 125 29.94 -11.65 15.99
N ARG A 126 30.41 -11.01 17.07
CA ARG A 126 30.45 -9.55 17.07
C ARG A 126 31.33 -9.01 15.96
N ARG A 127 32.48 -9.64 15.73
CA ARG A 127 33.41 -9.08 14.74
C ARG A 127 32.91 -9.28 13.32
N LYS A 128 32.19 -10.35 13.08
CA LYS A 128 31.59 -10.52 11.76
C LYS A 128 30.44 -9.53 11.55
N LEU A 129 29.63 -9.30 12.58
CA LEU A 129 28.56 -8.30 12.47
C LEU A 129 29.13 -6.94 12.14
N ARG A 130 30.18 -6.53 12.87
CA ARG A 130 30.87 -5.28 12.54
C ARG A 130 31.38 -5.27 11.08
N SER A 131 32.01 -6.38 10.63
CA SER A 131 32.55 -6.37 9.27
C SER A 131 31.45 -6.27 8.24
N ALA A 132 30.31 -6.94 8.48
CA ALA A 132 29.16 -6.83 7.58
C ALA A 132 28.64 -5.41 7.51
N ALA A 133 28.58 -4.71 8.65
CA ALA A 133 28.00 -3.38 8.70
C ALA A 133 28.91 -2.36 8.04
N GLN A 134 30.19 -2.68 7.92
CA GLN A 134 31.18 -1.81 7.29
C GLN A 134 31.10 -1.79 5.76
N LYS A 135 30.34 -2.70 5.12
CA LYS A 135 30.23 -2.70 3.66
C LYS A 135 29.60 -1.41 3.14
N ARG A 136 30.28 -0.78 2.19
CA ARG A 136 29.82 0.50 1.67
C ARG A 136 28.52 0.40 0.90
N ASP A 137 28.22 -0.76 0.29
CA ASP A 137 26.98 -0.85 -0.46
C ASP A 137 25.74 -0.77 0.44
N LEU A 138 25.83 -1.13 1.72
CA LEU A 138 24.69 -0.93 2.63
C LEU A 138 24.20 0.53 2.60
N LEU A 139 25.12 1.48 2.53
CA LEU A 139 24.72 2.88 2.58
C LEU A 139 23.93 3.29 1.33
N ALA A 140 24.40 2.88 0.15
CA ALA A 140 23.65 3.16 -1.07
C ALA A 140 22.26 2.57 -1.01
N ILE A 141 22.14 1.35 -0.47
CA ILE A 141 20.84 0.68 -0.45
C ILE A 141 19.87 1.42 0.46
N GLN A 142 20.31 1.83 1.66
CA GLN A 142 19.43 2.59 2.55
C GLN A 142 19.05 3.93 1.93
N ALA A 143 20.02 4.65 1.38
CA ALA A 143 19.75 5.97 0.82
C ALA A 143 18.71 5.90 -0.28
N VAL A 144 18.86 4.96 -1.23
CA VAL A 144 17.90 4.93 -2.33
C VAL A 144 16.51 4.50 -1.83
N ARG A 145 16.46 3.65 -0.79
CA ARG A 145 15.17 3.30 -0.18
C ARG A 145 14.52 4.51 0.49
N ALA A 146 15.30 5.32 1.21
CA ALA A 146 14.70 6.52 1.78
C ALA A 146 14.30 7.50 0.68
N MET A 147 15.02 7.51 -0.44
CA MET A 147 14.66 8.39 -1.53
C MET A 147 13.35 7.95 -2.16
N ASP A 148 13.12 6.64 -2.22
CA ASP A 148 11.87 6.17 -2.79
C ASP A 148 10.69 6.43 -1.83
N ASP A 149 10.92 6.35 -0.52
CA ASP A 149 9.88 6.76 0.42
C ASP A 149 9.54 8.24 0.21
N ILE A 150 10.58 9.07 0.10
CA ILE A 150 10.42 10.50 -0.14
C ILE A 150 9.61 10.74 -1.41
N ASP A 151 9.95 10.06 -2.49
CA ASP A 151 9.19 10.22 -3.74
C ASP A 151 7.72 9.86 -3.53
N LYS A 152 7.47 8.70 -2.94
CA LYS A 152 6.12 8.26 -2.64
C LYS A 152 5.39 9.30 -1.77
N THR A 153 6.08 9.83 -0.76
CA THR A 153 5.48 10.80 0.15
C THR A 153 5.17 12.11 -0.56
N ILE A 154 6.14 12.63 -1.33
CA ILE A 154 5.91 13.84 -2.09
C ILE A 154 4.64 13.70 -2.92
N ASN A 155 4.49 12.55 -3.56
CA ASN A 155 3.32 12.37 -4.41
C ASN A 155 2.04 12.30 -3.57
N LEU A 156 2.09 11.60 -2.43
CA LEU A 156 0.91 11.45 -1.61
C LEU A 156 0.44 12.80 -1.05
N PHE A 157 1.38 13.60 -0.52
CA PHE A 157 1.03 14.90 0.04
C PHE A 157 0.53 15.85 -1.05
N SER A 158 1.17 15.80 -2.24
CA SER A 158 0.79 16.69 -3.33
C SER A 158 -0.62 16.39 -3.81
N GLU A 159 -0.96 15.09 -3.88
CA GLU A 159 -2.32 14.71 -4.25
C GLU A 159 -3.31 15.21 -3.20
N ARG A 160 -2.91 15.20 -1.92
CA ARG A 160 -3.80 15.64 -0.86
C ARG A 160 -3.92 17.15 -0.86
N LEU A 161 -2.80 17.85 -1.09
CA LEU A 161 -2.81 19.31 -1.11
C LEU A 161 -3.73 19.83 -2.21
N ARG A 162 -3.60 19.27 -3.41
CA ARG A 162 -4.47 19.65 -4.52
C ARG A 162 -5.93 19.49 -4.17
N GLU A 163 -6.31 18.35 -3.58
CA GLU A 163 -7.69 18.15 -3.16
C GLU A 163 -8.10 19.20 -2.12
N TRP A 164 -7.18 19.55 -1.23
CA TRP A 164 -7.50 20.40 -0.10
C TRP A 164 -7.60 21.86 -0.53
N TYR A 165 -6.53 22.37 -1.14
CA TYR A 165 -6.53 23.73 -1.65
C TYR A 165 -7.57 23.94 -2.75
N SER A 166 -7.92 22.90 -3.51
CA SER A 166 -8.98 23.08 -4.50
C SER A 166 -10.32 23.52 -3.90
N ILE A 167 -10.56 23.29 -2.60
CA ILE A 167 -11.79 23.80 -1.99
C ILE A 167 -11.86 25.32 -2.17
N HIS A 168 -10.73 26.00 -2.02
CA HIS A 168 -10.63 27.43 -2.13
C HIS A 168 -10.34 27.89 -3.56
N PHE A 169 -9.49 27.17 -4.30
CA PHE A 169 -9.07 27.62 -5.64
C PHE A 169 -9.04 26.42 -6.57
N PRO A 170 -10.21 25.90 -6.98
CA PRO A 170 -10.26 24.61 -7.69
C PRO A 170 -9.67 24.64 -9.08
N GLU A 171 -9.68 25.78 -9.76
CA GLU A 171 -9.18 25.82 -11.14
C GLU A 171 -7.66 25.77 -11.18
N LEU A 172 -6.98 26.04 -10.06
CA LEU A 172 -5.52 26.02 -10.09
C LEU A 172 -4.99 24.61 -10.34
N ASP A 173 -5.73 23.58 -9.94
CA ASP A 173 -5.27 22.20 -10.05
C ASP A 173 -4.91 21.85 -11.49
N LYS A 174 -5.81 22.18 -12.44
CA LYS A 174 -5.59 21.86 -13.84
C LYS A 174 -4.66 22.84 -14.55
N LEU A 175 -4.37 23.98 -13.94
CA LEU A 175 -3.51 24.99 -14.54
C LEU A 175 -2.04 24.79 -14.22
N ILE A 176 -1.72 24.13 -13.11
CA ILE A 176 -0.32 23.95 -12.67
C ILE A 176 -0.10 22.46 -12.51
N GLU A 177 0.57 21.82 -13.47
CA GLU A 177 0.72 20.37 -13.45
C GLU A 177 1.90 19.92 -12.60
N ASP A 178 2.91 20.76 -12.44
CA ASP A 178 4.06 20.39 -11.59
C ASP A 178 3.75 20.58 -10.11
N HIS A 179 3.95 19.51 -9.31
CA HIS A 179 3.63 19.56 -7.90
C HIS A 179 4.47 20.59 -7.17
N GLU A 180 5.75 20.72 -7.54
CA GLU A 180 6.55 21.69 -6.79
C GLU A 180 6.07 23.11 -7.05
N GLU A 181 5.61 23.40 -8.26
CA GLU A 181 5.10 24.74 -8.52
C GLU A 181 3.77 24.94 -7.81
N TYR A 182 2.90 23.93 -7.84
CA TYR A 182 1.64 24.04 -7.13
C TYR A 182 1.89 24.29 -5.66
N ALA A 183 2.78 23.51 -5.05
CA ALA A 183 3.08 23.74 -3.65
C ALA A 183 3.67 25.12 -3.42
N THR A 184 4.47 25.59 -4.38
CA THR A 184 5.08 26.90 -4.25
C THR A 184 4.05 28.00 -4.22
N ILE A 185 3.04 27.92 -5.09
CA ILE A 185 2.00 28.93 -5.12
C ILE A 185 1.23 28.95 -3.81
N VAL A 186 0.92 27.76 -3.26
CA VAL A 186 0.15 27.70 -2.03
C VAL A 186 0.99 28.22 -0.86
N SER A 187 2.24 27.78 -0.78
CA SER A 187 3.15 28.27 0.26
C SER A 187 3.25 29.81 0.25
N ARG A 188 3.48 30.39 -0.93
CA ARG A 188 3.84 31.81 -1.00
C ARG A 188 2.66 32.73 -0.75
N PHE A 189 1.50 32.40 -1.30
CA PHE A 189 0.34 33.28 -1.32
C PHE A 189 -0.74 32.90 -0.32
N GLY A 190 -1.11 31.62 -0.25
CA GLY A 190 -2.29 31.27 0.53
C GLY A 190 -3.59 31.68 -0.17
N ASP A 191 -4.26 32.70 0.35
CA ASP A 191 -5.49 33.18 -0.31
C ASP A 191 -5.17 33.55 -1.75
N ARG A 192 -5.98 33.04 -2.68
CA ARG A 192 -5.76 33.35 -4.09
C ARG A 192 -5.91 34.84 -4.36
N GLY A 193 -6.49 35.59 -3.43
CA GLY A 193 -6.54 37.03 -3.57
C GLY A 193 -5.18 37.68 -3.60
N PHE A 194 -4.19 37.12 -2.90
CA PHE A 194 -2.88 37.76 -2.79
C PHE A 194 -2.00 37.59 -4.03
N LEU A 195 -2.47 36.89 -5.06
CA LEU A 195 -1.69 36.67 -6.27
C LEU A 195 -1.64 37.94 -7.10
N THR A 196 -0.43 38.45 -7.36
CA THR A 196 -0.20 39.60 -8.23
C THR A 196 0.74 39.20 -9.35
N ILE A 197 0.78 40.04 -10.38
CA ILE A 197 1.63 39.77 -11.53
C ILE A 197 3.08 39.63 -11.09
N ASP A 198 3.57 40.59 -10.30
CA ASP A 198 5.00 40.65 -10.03
C ASP A 198 5.44 39.63 -8.99
N SER A 199 4.58 39.32 -8.01
CA SER A 199 4.89 38.22 -7.12
C SER A 199 5.05 36.91 -7.89
N LEU A 200 4.19 36.67 -8.87
CA LEU A 200 4.29 35.45 -9.66
C LEU A 200 5.51 35.47 -10.56
N LYS A 201 5.85 36.64 -11.11
CA LYS A 201 7.10 36.79 -11.86
C LYS A 201 8.30 36.42 -11.01
N GLU A 202 8.36 36.98 -9.79
CA GLU A 202 9.39 36.61 -8.81
C GLU A 202 9.67 35.12 -8.79
N LEU A 203 8.61 34.31 -8.73
CA LEU A 203 8.78 32.86 -8.64
C LEU A 203 9.15 32.21 -9.97
N GLY A 204 9.20 32.97 -11.06
CA GLY A 204 9.70 32.46 -12.31
C GLY A 204 8.67 32.07 -13.34
N PHE A 205 7.38 32.23 -13.04
CA PHE A 205 6.37 31.94 -14.04
C PHE A 205 6.46 32.96 -15.19
N ASN A 206 5.96 32.56 -16.35
CA ASN A 206 5.98 33.43 -17.52
C ASN A 206 4.62 34.12 -17.70
N GLU A 207 4.63 35.16 -18.54
CA GLU A 207 3.49 36.07 -18.64
C GLU A 207 2.22 35.33 -19.03
N GLN A 208 2.29 34.44 -20.02
CA GLN A 208 1.09 33.75 -20.48
C GLN A 208 0.48 32.92 -19.36
N ARG A 209 1.33 32.17 -18.64
CA ARG A 209 0.84 31.38 -17.52
C ARG A 209 0.30 32.29 -16.44
N ILE A 210 1.02 33.37 -16.12
CA ILE A 210 0.61 34.24 -15.02
C ILE A 210 -0.77 34.84 -15.28
N ASN A 211 -1.06 35.19 -16.53
CA ASN A 211 -2.34 35.79 -16.81
C ASN A 211 -3.47 34.77 -16.75
N ARG A 212 -3.20 33.51 -17.11
CA ARG A 212 -4.20 32.46 -16.90
C ARG A 212 -4.50 32.27 -15.42
N ILE A 213 -3.46 32.27 -14.59
CA ILE A 213 -3.64 32.09 -13.15
C ILE A 213 -4.48 33.22 -12.57
N LEU A 214 -4.10 34.47 -12.87
CA LEU A 214 -4.83 35.61 -12.32
C LEU A 214 -6.25 35.64 -12.84
N ASP A 215 -6.45 35.35 -14.11
CA ASP A 215 -7.82 35.31 -14.60
C ASP A 215 -8.64 34.26 -13.86
N ALA A 216 -8.08 33.05 -13.69
CA ALA A 216 -8.82 31.98 -13.00
C ALA A 216 -9.13 32.36 -11.56
N ALA A 217 -8.22 33.08 -10.91
CA ALA A 217 -8.44 33.45 -9.52
C ALA A 217 -9.57 34.47 -9.38
N LYS A 218 -9.63 35.44 -10.32
CA LYS A 218 -10.75 36.38 -10.33
C LYS A 218 -12.09 35.66 -10.43
N LYS A 219 -12.21 34.76 -11.42
CA LYS A 219 -13.49 34.13 -11.69
C LYS A 219 -13.71 32.85 -10.87
N SER A 220 -12.84 32.55 -9.91
CA SER A 220 -12.90 31.26 -9.26
C SER A 220 -14.22 31.06 -8.53
N ILE A 221 -14.77 29.86 -8.63
CA ILE A 221 -15.94 29.50 -7.87
C ILE A 221 -15.56 28.77 -6.58
N GLY A 222 -14.31 28.85 -6.16
CA GLY A 222 -13.91 28.26 -4.92
C GLY A 222 -14.50 28.98 -3.73
N ALA A 223 -14.43 28.33 -2.58
CA ALA A 223 -15.02 28.90 -1.39
C ALA A 223 -14.11 30.00 -0.85
N ASP A 224 -14.69 30.84 0.00
CA ASP A 224 -13.92 31.75 0.84
C ASP A 224 -13.75 31.09 2.20
N ILE A 225 -12.51 31.10 2.70
CA ILE A 225 -12.14 30.39 3.92
C ILE A 225 -11.24 31.30 4.74
N SER A 226 -11.13 31.00 6.04
CA SER A 226 -10.33 31.85 6.90
C SER A 226 -8.84 31.72 6.62
N GLU A 227 -8.09 32.72 7.13
CA GLU A 227 -6.64 32.65 7.12
C GLU A 227 -6.13 31.40 7.84
N ASP A 228 -6.80 31.02 8.92
CA ASP A 228 -6.37 29.84 9.66
C ASP A 228 -6.62 28.55 8.88
N ASP A 229 -7.66 28.50 8.06
CA ASP A 229 -7.87 27.34 7.21
C ASP A 229 -6.77 27.24 6.17
N LEU A 230 -6.38 28.38 5.59
CA LEU A 230 -5.29 28.41 4.63
C LEU A 230 -3.97 28.01 5.27
N SER A 231 -3.73 28.42 6.51
CA SER A 231 -2.46 28.09 7.13
C SER A 231 -2.32 26.59 7.34
N ALA A 232 -3.40 25.89 7.65
CA ALA A 232 -3.31 24.44 7.75
C ALA A 232 -2.87 23.85 6.41
N MET A 233 -3.44 24.35 5.30
CA MET A 233 -3.05 23.85 3.98
C MET A 233 -1.59 24.14 3.71
N ARG A 234 -1.16 25.35 4.00
CA ARG A 234 0.22 25.75 3.74
C ARG A 234 1.23 24.94 4.53
N MET A 235 0.81 24.32 5.64
CA MET A 235 1.72 23.42 6.34
C MET A 235 2.07 22.21 5.47
N ILE A 236 1.10 21.68 4.73
CA ILE A 236 1.41 20.60 3.81
C ILE A 236 2.25 21.13 2.65
N ALA A 237 1.95 22.33 2.15
CA ALA A 237 2.72 22.87 1.04
C ALA A 237 4.19 23.00 1.39
N ASN A 238 4.49 23.57 2.56
CA ASN A 238 5.88 23.82 2.91
C ASN A 238 6.63 22.52 3.17
N THR A 239 5.94 21.52 3.74
CA THR A 239 6.52 20.19 3.85
C THR A 239 6.86 19.61 2.49
N ILE A 240 5.97 19.78 1.51
CA ILE A 240 6.30 19.29 0.17
C ILE A 240 7.58 19.94 -0.32
N LEU A 241 7.72 21.25 -0.12
CA LEU A 241 8.92 21.93 -0.62
C LEU A 241 10.16 21.50 0.15
N ASP A 242 10.05 21.27 1.46
CA ASP A 242 11.21 20.72 2.18
C ASP A 242 11.58 19.34 1.65
N LEU A 243 10.57 18.53 1.30
CA LEU A 243 10.84 17.17 0.86
C LEU A 243 11.54 17.15 -0.50
N TYR A 244 11.20 18.08 -1.39
CA TYR A 244 11.90 18.14 -2.67
C TYR A 244 13.37 18.48 -2.47
N ASN A 245 13.66 19.36 -1.51
CA ASN A 245 15.05 19.71 -1.20
C ASN A 245 15.79 18.53 -0.62
N ILE A 246 15.13 17.76 0.25
CA ILE A 246 15.77 16.56 0.77
C ILE A 246 16.03 15.58 -0.35
N ARG A 247 15.05 15.41 -1.24
CA ARG A 247 15.19 14.47 -2.32
C ARG A 247 16.44 14.78 -3.15
N ARG A 248 16.62 16.06 -3.52
CA ARG A 248 17.79 16.45 -4.30
C ARG A 248 19.09 16.26 -3.52
N ASN A 249 19.12 16.64 -2.23
CA ASN A 249 20.34 16.37 -1.48
C ASN A 249 20.63 14.87 -1.42
N LEU A 250 19.60 14.05 -1.23
CA LEU A 250 19.81 12.61 -1.16
C LEU A 250 20.32 12.07 -2.48
N ASN A 251 19.75 12.55 -3.59
CA ASN A 251 20.17 12.06 -4.88
C ASN A 251 21.62 12.43 -5.16
N ASN A 252 22.04 13.60 -4.67
CA ASN A 252 23.44 13.97 -4.80
C ASN A 252 24.33 13.12 -3.91
N TYR A 253 23.87 12.81 -2.69
CA TYR A 253 24.61 11.85 -1.87
C TYR A 253 24.75 10.51 -2.58
N LEU A 254 23.64 10.01 -3.14
CA LEU A 254 23.64 8.69 -3.76
C LEU A 254 24.59 8.64 -4.95
N GLU A 255 24.81 9.78 -5.61
CA GLU A 255 25.76 9.81 -6.72
C GLU A 255 27.17 9.52 -6.20
N GLY A 256 27.56 10.18 -5.10
CA GLY A 256 28.88 9.95 -4.53
C GLY A 256 29.11 8.50 -4.14
N VAL A 257 28.14 7.89 -3.46
CA VAL A 257 28.35 6.53 -2.97
C VAL A 257 28.41 5.54 -4.13
N MET A 258 27.54 5.72 -5.13
CA MET A 258 27.43 4.74 -6.21
C MET A 258 28.62 4.79 -7.17
N LYS A 259 29.16 5.99 -7.41
CA LYS A 259 30.36 6.08 -8.20
C LYS A 259 31.53 5.37 -7.52
N GLU A 260 31.51 5.28 -6.20
CA GLU A 260 32.55 4.55 -5.48
C GLU A 260 32.24 3.06 -5.34
N VAL A 261 30.96 2.73 -5.12
CA VAL A 261 30.60 1.36 -4.81
C VAL A 261 30.39 0.53 -6.09
N ALA A 262 29.76 1.09 -7.11
CA ALA A 262 29.51 0.36 -8.37
C ALA A 262 29.60 1.30 -9.57
N PRO A 263 30.79 1.86 -9.83
CA PRO A 263 30.94 2.76 -10.98
C PRO A 263 30.51 2.16 -12.31
N ASN A 264 30.82 0.88 -12.58
CA ASN A 264 30.43 0.29 -13.85
C ASN A 264 28.91 0.19 -13.99
N VAL A 265 28.22 -0.22 -12.92
CA VAL A 265 26.76 -0.23 -12.94
C VAL A 265 26.24 1.20 -13.10
N THR A 266 26.83 2.15 -12.37
CA THR A 266 26.37 3.53 -12.46
C THR A 266 26.54 4.10 -13.86
N ALA A 267 27.59 3.66 -14.57
CA ALA A 267 27.79 4.16 -15.92
C ALA A 267 26.65 3.73 -16.85
N LEU A 268 26.01 2.61 -16.56
CA LEU A 268 24.97 2.14 -17.45
C LEU A 268 23.59 2.72 -17.17
N VAL A 269 23.20 2.86 -15.90
CA VAL A 269 21.82 3.18 -15.56
C VAL A 269 21.66 4.38 -14.64
N GLY A 270 22.74 5.03 -14.23
CA GLY A 270 22.64 6.13 -13.30
C GLY A 270 22.68 5.64 -11.86
N PRO A 271 23.02 6.55 -10.94
CA PRO A 271 23.11 6.14 -9.53
C PRO A 271 21.81 5.62 -8.92
N ALA A 272 20.68 6.24 -9.22
CA ALA A 272 19.43 5.87 -8.54
C ALA A 272 18.95 4.50 -8.98
N LEU A 273 18.82 4.29 -10.31
CA LEU A 273 18.43 2.98 -10.81
C LEU A 273 19.44 1.90 -10.42
N GLY A 274 20.72 2.24 -10.41
CA GLY A 274 21.71 1.23 -10.03
C GLY A 274 21.56 0.82 -8.58
N ALA A 275 21.27 1.79 -7.70
CA ALA A 275 21.07 1.48 -6.28
C ALA A 275 19.80 0.70 -6.04
N ARG A 276 18.76 0.91 -6.87
CA ARG A 276 17.56 0.10 -6.76
C ARG A 276 17.85 -1.36 -7.06
N LEU A 277 18.68 -1.61 -8.08
CA LEU A 277 19.15 -2.96 -8.33
C LEU A 277 19.86 -3.55 -7.13
N LEU A 278 20.76 -2.78 -6.52
CA LEU A 278 21.42 -3.29 -5.32
C LEU A 278 20.39 -3.59 -4.25
N SER A 279 19.43 -2.69 -4.07
CA SER A 279 18.45 -2.83 -3.00
C SER A 279 17.63 -4.09 -3.18
N ILE A 280 17.14 -4.35 -4.39
CA ILE A 280 16.35 -5.56 -4.61
C ILE A 280 17.23 -6.80 -4.55
N ALA A 281 18.44 -6.73 -5.11
CA ALA A 281 19.28 -7.93 -5.02
C ALA A 281 19.74 -8.18 -3.59
N GLY A 282 19.80 -7.12 -2.77
CA GLY A 282 20.28 -7.18 -1.40
C GLY A 282 21.70 -6.72 -1.20
N SER A 283 22.54 -6.78 -2.24
CA SER A 283 23.93 -6.39 -2.10
C SER A 283 24.56 -6.46 -3.48
N LEU A 284 25.71 -5.79 -3.62
CA LEU A 284 26.48 -5.89 -4.85
C LEU A 284 26.97 -7.32 -5.08
N ASP A 285 27.39 -8.01 -4.02
CA ASP A 285 27.84 -9.38 -4.17
C ASP A 285 26.72 -10.28 -4.67
N GLU A 286 25.51 -10.11 -4.13
CA GLU A 286 24.39 -10.90 -4.64
C GLU A 286 24.06 -10.50 -6.06
N LEU A 287 24.07 -9.20 -6.36
CA LEU A 287 23.76 -8.76 -7.71
C LEU A 287 24.73 -9.37 -8.73
N ALA A 288 25.99 -9.52 -8.34
CA ALA A 288 27.00 -10.03 -9.27
C ALA A 288 26.94 -11.54 -9.47
N LYS A 289 26.18 -12.28 -8.65
CA LYS A 289 25.91 -13.69 -8.90
C LYS A 289 24.68 -13.90 -9.78
N MET A 290 24.00 -12.86 -10.16
CA MET A 290 22.76 -13.20 -10.85
C MET A 290 22.98 -13.25 -12.36
N PRO A 291 22.24 -14.12 -13.04
CA PRO A 291 22.24 -14.10 -14.50
C PRO A 291 21.42 -12.93 -15.05
N ALA A 292 21.76 -12.55 -16.29
CA ALA A 292 21.09 -11.43 -16.96
C ALA A 292 19.58 -11.58 -16.92
N SER A 293 19.09 -12.79 -17.17
CA SER A 293 17.66 -13.02 -17.19
C SER A 293 17.00 -12.74 -15.84
N THR A 294 17.74 -12.92 -14.74
CA THR A 294 17.23 -12.59 -13.41
C THR A 294 17.30 -11.08 -13.16
N ILE A 295 18.45 -10.47 -13.47
CA ILE A 295 18.62 -9.02 -13.39
C ILE A 295 17.54 -8.30 -14.18
N GLN A 296 17.19 -8.84 -15.35
CA GLN A 296 16.20 -8.22 -16.22
C GLN A 296 14.87 -8.00 -15.52
N VAL A 297 14.51 -8.87 -14.58
CA VAL A 297 13.19 -8.83 -13.95
C VAL A 297 13.25 -8.55 -12.45
N LEU A 298 14.39 -8.11 -11.93
CA LEU A 298 14.40 -7.63 -10.55
C LEU A 298 13.38 -6.50 -10.36
N GLY A 299 12.52 -6.65 -9.36
CA GLY A 299 11.47 -5.67 -9.11
C GLY A 299 10.10 -6.08 -9.62
N ALA A 300 10.01 -7.18 -10.39
CA ALA A 300 8.77 -7.64 -11.00
C ALA A 300 8.37 -9.02 -10.47
N GLU A 301 8.75 -9.30 -9.23
CA GLU A 301 8.46 -10.59 -8.64
C GLU A 301 6.96 -10.90 -8.61
N LYS A 302 6.12 -9.88 -8.47
CA LYS A 302 4.68 -10.11 -8.45
C LYS A 302 4.23 -10.71 -9.79
N ALA A 303 4.54 -10.04 -10.90
CA ALA A 303 4.18 -10.57 -12.21
C ALA A 303 4.88 -11.90 -12.50
N LEU A 304 6.16 -12.01 -12.13
CA LEU A 304 6.90 -13.23 -12.41
C LEU A 304 6.20 -14.45 -11.83
N PHE A 305 5.96 -14.44 -10.51
CA PHE A 305 5.41 -15.60 -9.84
C PHE A 305 3.93 -15.77 -10.10
N ARG A 306 3.23 -14.71 -10.51
CA ARG A 306 1.87 -14.88 -11.02
C ARG A 306 1.87 -15.70 -12.29
N ALA A 307 2.84 -15.46 -13.17
CA ALA A 307 2.90 -16.18 -14.44
C ALA A 307 3.45 -17.58 -14.27
N LEU A 308 4.30 -17.80 -13.27
CA LEU A 308 4.74 -19.16 -12.98
C LEU A 308 3.57 -20.00 -12.50
N ARG A 309 2.79 -19.46 -11.57
CA ARG A 309 1.72 -20.23 -10.94
C ARG A 309 0.50 -20.37 -11.83
N SER A 310 0.35 -19.53 -12.84
CA SER A 310 -0.79 -19.63 -13.73
C SER A 310 -0.40 -20.00 -15.15
N GLY A 311 0.90 -20.13 -15.43
CA GLY A 311 1.36 -20.34 -16.80
C GLY A 311 1.27 -19.12 -17.69
N GLY A 312 0.83 -17.97 -17.18
CA GLY A 312 0.60 -16.80 -17.99
C GLY A 312 1.84 -16.21 -18.64
N ARG A 313 1.71 -14.99 -19.15
CA ARG A 313 2.82 -14.31 -19.80
C ARG A 313 3.75 -13.71 -18.76
N PRO A 314 5.05 -14.00 -18.83
CA PRO A 314 6.00 -13.48 -17.85
C PRO A 314 6.29 -12.01 -18.11
N PRO A 315 6.91 -11.31 -17.16
CA PRO A 315 7.31 -9.92 -17.39
C PRO A 315 8.57 -9.79 -18.25
N LYS A 316 8.60 -8.71 -19.03
CA LYS A 316 9.74 -8.39 -19.89
C LYS A 316 10.82 -7.59 -19.19
N HIS A 317 10.53 -6.99 -18.05
CA HIS A 317 11.43 -6.06 -17.37
C HIS A 317 10.92 -5.86 -15.95
N GLY A 318 11.85 -5.61 -15.04
CA GLY A 318 11.45 -5.19 -13.71
C GLY A 318 11.66 -3.71 -13.52
N ILE A 319 12.44 -3.35 -12.50
CA ILE A 319 12.74 -1.97 -12.23
C ILE A 319 13.55 -1.33 -13.34
N ILE A 320 14.20 -2.11 -14.21
CA ILE A 320 14.91 -1.47 -15.32
C ILE A 320 13.95 -0.85 -16.31
N PHE A 321 12.66 -1.16 -16.24
CA PHE A 321 11.66 -0.41 -16.98
C PHE A 321 11.90 1.09 -16.84
N GLN A 322 12.47 1.51 -15.70
CA GLN A 322 12.78 2.92 -15.50
C GLN A 322 13.82 3.44 -16.47
N TYR A 323 14.64 2.57 -17.06
CA TYR A 323 15.62 3.02 -18.05
C TYR A 323 14.91 3.73 -19.20
N PRO A 324 15.28 4.97 -19.52
CA PRO A 324 14.50 5.73 -20.53
C PRO A 324 14.33 5.01 -21.86
N ALA A 325 15.39 4.41 -22.41
CA ALA A 325 15.26 3.69 -23.67
C ALA A 325 14.28 2.52 -23.59
N ILE A 326 13.88 2.09 -22.39
CA ILE A 326 12.87 1.05 -22.33
C ILE A 326 11.48 1.70 -22.29
N HIS A 327 11.24 2.57 -21.30
CA HIS A 327 9.86 3.00 -21.11
C HIS A 327 9.41 4.05 -22.13
N THR A 328 10.33 4.75 -22.80
CA THR A 328 9.91 5.64 -23.89
C THR A 328 9.86 4.93 -25.24
N SER A 329 10.03 3.60 -25.28
CA SER A 329 10.06 2.89 -26.55
C SER A 329 8.78 2.10 -26.77
N PRO A 330 8.41 1.85 -28.03
CA PRO A 330 7.20 1.05 -28.28
C PRO A 330 7.31 -0.33 -27.68
N ARG A 331 6.18 -0.86 -27.23
CA ARG A 331 6.19 -2.11 -26.46
C ARG A 331 6.86 -3.25 -27.21
N TRP A 332 6.79 -3.28 -28.55
CA TRP A 332 7.33 -4.43 -29.24
C TRP A 332 8.86 -4.47 -29.24
N GLN A 333 9.50 -3.40 -28.78
CA GLN A 333 10.95 -3.36 -28.70
C GLN A 333 11.48 -3.54 -27.29
N ARG A 334 10.64 -3.48 -26.27
CA ARG A 334 11.15 -3.38 -24.90
C ARG A 334 11.84 -4.66 -24.48
N GLY A 335 11.30 -5.81 -24.86
CA GLY A 335 11.92 -7.07 -24.54
C GLY A 335 13.37 -7.11 -25.01
N LYS A 336 13.57 -6.91 -26.32
CA LYS A 336 14.92 -6.91 -26.87
C LYS A 336 15.81 -5.92 -26.14
N ILE A 337 15.31 -4.70 -25.93
CA ILE A 337 16.09 -3.66 -25.28
C ILE A 337 16.45 -4.05 -23.85
N ALA A 338 15.50 -4.63 -23.12
CA ALA A 338 15.76 -4.98 -21.73
C ALA A 338 16.76 -6.11 -21.62
N ARG A 339 16.67 -7.09 -22.54
CA ARG A 339 17.67 -8.16 -22.57
C ARG A 339 19.06 -7.62 -22.82
N ALA A 340 19.19 -6.65 -23.73
CA ALA A 340 20.50 -6.07 -23.99
C ALA A 340 21.04 -5.32 -22.78
N LEU A 341 20.18 -4.55 -22.10
CA LEU A 341 20.64 -3.85 -20.91
C LEU A 341 21.00 -4.84 -19.79
N ALA A 342 20.11 -5.80 -19.52
CA ALA A 342 20.40 -6.77 -18.46
C ALA A 342 21.75 -7.44 -18.69
N ALA A 343 22.09 -7.70 -19.96
CA ALA A 343 23.33 -8.41 -20.24
C ALA A 343 24.54 -7.54 -19.92
N LYS A 344 24.42 -6.24 -20.14
CA LYS A 344 25.53 -5.36 -19.79
C LYS A 344 25.61 -5.15 -18.28
N LEU A 345 24.46 -5.12 -17.61
CA LEU A 345 24.44 -4.97 -16.15
C LEU A 345 25.10 -6.15 -15.44
N ALA A 346 24.83 -7.38 -15.91
CA ALA A 346 25.50 -8.56 -15.33
C ALA A 346 27.01 -8.43 -15.42
N ILE A 347 27.53 -8.03 -16.58
CA ILE A 347 28.97 -7.81 -16.70
C ILE A 347 29.43 -6.71 -15.76
N ALA A 348 28.68 -5.60 -15.74
CA ALA A 348 29.08 -4.45 -14.94
C ALA A 348 29.08 -4.78 -13.46
N ALA A 349 28.07 -5.52 -13.00
CA ALA A 349 28.02 -5.88 -11.59
C ALA A 349 29.25 -6.69 -11.19
N ARG A 350 29.67 -7.63 -12.03
CA ARG A 350 30.86 -8.42 -11.74
C ARG A 350 32.14 -7.56 -11.74
N VAL A 351 32.28 -6.63 -12.68
CA VAL A 351 33.46 -5.76 -12.64
C VAL A 351 33.52 -5.01 -11.32
N ASP A 352 32.38 -4.42 -10.88
CA ASP A 352 32.38 -3.69 -9.62
C ASP A 352 32.60 -4.61 -8.42
N ALA A 353 31.93 -5.77 -8.39
CA ALA A 353 32.01 -6.64 -7.21
C ALA A 353 33.42 -7.15 -6.98
N PHE A 354 34.16 -7.43 -8.06
CA PHE A 354 35.52 -7.96 -7.94
C PHE A 354 36.57 -6.90 -8.28
N SER A 355 36.15 -5.65 -8.43
CA SER A 355 37.06 -4.51 -8.57
C SER A 355 37.95 -4.64 -9.82
N GLY A 356 37.37 -5.10 -10.94
CA GLY A 356 38.11 -5.13 -12.18
C GLY A 356 38.40 -3.73 -12.66
N ARG A 357 38.98 -3.58 -13.84
CA ARG A 357 39.23 -2.25 -14.37
C ARG A 357 37.92 -1.64 -14.88
N PHE A 358 37.77 -0.33 -14.72
CA PHE A 358 36.54 0.32 -15.15
C PHE A 358 36.32 0.20 -16.66
N ILE A 359 35.20 -0.40 -17.07
CA ILE A 359 34.80 -0.44 -18.49
C ILE A 359 33.39 0.08 -18.70
N GLY A 360 32.89 0.86 -17.76
CA GLY A 360 31.50 1.29 -17.85
C GLY A 360 31.21 2.14 -19.07
N ASP A 361 32.10 3.10 -19.37
CA ASP A 361 31.97 3.89 -20.59
C ASP A 361 31.85 3.01 -21.83
N GLN A 362 32.68 1.96 -21.91
CA GLN A 362 32.64 1.08 -23.07
C GLN A 362 31.39 0.20 -23.08
N LEU A 363 31.02 -0.37 -21.92
CA LEU A 363 29.77 -1.12 -21.86
C LEU A 363 28.61 -0.26 -22.34
N ASN A 364 28.59 1.01 -21.93
CA ASN A 364 27.51 1.91 -22.31
C ASN A 364 27.53 2.15 -23.81
N GLU A 365 28.72 2.34 -24.40
CA GLU A 365 28.82 2.50 -25.85
C GLU A 365 28.30 1.26 -26.57
N GLN A 366 28.74 0.07 -26.15
CA GLN A 366 28.24 -1.15 -26.76
C GLN A 366 26.72 -1.19 -26.71
N LEU A 367 26.15 -0.89 -25.53
CA LEU A 367 24.70 -1.00 -25.35
C LEU A 367 23.95 -0.01 -26.23
N LYS A 368 24.40 1.24 -26.28
CA LYS A 368 23.65 2.20 -27.10
C LYS A 368 23.72 1.86 -28.59
N LYS A 369 24.85 1.28 -29.05
CA LYS A 369 24.89 0.80 -30.44
C LYS A 369 23.89 -0.32 -30.66
N ARG A 370 23.81 -1.26 -29.72
CA ARG A 370 22.83 -2.32 -29.85
C ARG A 370 21.42 -1.76 -29.88
N ILE A 371 21.16 -0.70 -29.12
CA ILE A 371 19.82 -0.12 -29.09
C ILE A 371 19.47 0.50 -30.44
N ASP A 372 20.45 1.15 -31.09
CA ASP A 372 20.20 1.72 -32.42
C ASP A 372 19.86 0.63 -33.41
N GLU A 373 20.57 -0.51 -33.34
CA GLU A 373 20.26 -1.64 -34.20
C GLU A 373 18.83 -2.13 -34.00
N ILE A 374 18.35 -2.15 -32.76
CA ILE A 374 17.01 -2.67 -32.48
C ILE A 374 15.95 -1.78 -33.10
N LYS A 375 16.08 -0.47 -32.89
CA LYS A 375 15.02 0.45 -33.31
C LYS A 375 14.93 0.53 -34.82
N GLU A 376 16.07 0.37 -35.51
CA GLU A 376 16.11 0.28 -36.97
C GLU A 376 15.85 -1.16 -37.42
N LYS A 377 14.68 -1.66 -37.07
CA LYS A 377 14.25 -2.95 -37.59
C LYS A 377 13.69 -2.75 -38.99
N LYS B 3 -57.86 22.06 -12.05
CA LYS B 3 -58.44 23.20 -12.75
C LYS B 3 -57.40 23.94 -13.58
N ILE B 4 -56.32 24.35 -12.91
CA ILE B 4 -55.20 25.01 -13.58
C ILE B 4 -53.91 24.28 -13.21
N TYR B 5 -53.07 24.06 -14.21
CA TYR B 5 -51.78 23.40 -14.01
C TYR B 5 -50.68 24.44 -14.08
N LEU B 6 -49.96 24.60 -12.99
CA LEU B 6 -48.89 25.57 -12.92
C LEU B 6 -47.62 24.95 -13.50
N ILE B 7 -47.02 25.65 -14.45
CA ILE B 7 -45.74 25.30 -15.03
C ILE B 7 -44.75 26.38 -14.62
N GLU B 8 -43.66 25.98 -13.97
CA GLU B 8 -42.56 26.87 -13.65
C GLU B 8 -41.29 26.38 -14.35
N HIS B 9 -40.69 27.25 -15.17
CA HIS B 9 -39.57 26.88 -16.03
C HIS B 9 -38.70 28.12 -16.17
N VAL B 10 -37.48 27.92 -16.67
CA VAL B 10 -36.62 29.07 -16.98
C VAL B 10 -37.40 30.11 -17.76
N ILE B 11 -38.34 29.66 -18.58
CA ILE B 11 -39.13 30.49 -19.48
C ILE B 11 -39.94 31.53 -18.72
N GLY B 12 -40.37 31.23 -17.50
CA GLY B 12 -41.32 31.99 -16.71
C GLY B 12 -42.40 31.08 -16.15
N ALA B 13 -43.54 31.67 -15.78
CA ALA B 13 -44.62 30.90 -15.21
C ALA B 13 -45.75 30.83 -16.22
N VAL B 14 -46.33 29.65 -16.38
CA VAL B 14 -47.34 29.41 -17.40
C VAL B 14 -48.49 28.62 -16.80
N ALA B 15 -49.72 29.06 -17.10
CA ALA B 15 -50.92 28.47 -16.55
C ALA B 15 -51.65 27.70 -17.65
N TYR B 16 -51.94 26.42 -17.37
CA TYR B 16 -52.50 25.50 -18.37
C TYR B 16 -53.82 24.93 -17.89
N ASP B 17 -54.62 24.51 -18.87
CA ASP B 17 -55.91 23.89 -18.64
C ASP B 17 -55.76 22.38 -18.47
N GLU B 18 -56.90 21.70 -18.28
CA GLU B 18 -56.92 20.24 -18.19
C GLU B 18 -56.45 19.58 -19.47
N ASN B 19 -56.53 20.28 -20.60
CA ASN B 19 -56.22 19.70 -21.90
C ASN B 19 -54.96 20.24 -22.53
N GLY B 20 -54.25 21.15 -21.87
CA GLY B 20 -52.98 21.61 -22.36
C GLY B 20 -53.00 22.95 -23.04
N ASN B 21 -54.06 23.73 -22.89
CA ASN B 21 -54.14 25.02 -23.54
C ASN B 21 -53.65 26.09 -22.57
N ILE B 22 -52.71 26.91 -23.02
CA ILE B 22 -52.22 28.00 -22.20
C ILE B 22 -53.39 28.89 -21.83
N VAL B 23 -53.64 29.01 -20.53
CA VAL B 23 -54.60 29.99 -20.06
C VAL B 23 -53.97 31.37 -19.99
N ASP B 24 -52.77 31.45 -19.43
CA ASP B 24 -52.10 32.72 -19.21
C ASP B 24 -50.67 32.44 -18.81
N TYR B 25 -49.84 33.46 -18.86
CA TYR B 25 -48.42 33.27 -18.55
C TYR B 25 -47.84 34.59 -18.11
N ILE B 26 -46.70 34.51 -17.44
CA ILE B 26 -45.84 35.65 -17.15
C ILE B 26 -44.43 35.20 -17.48
N THR B 27 -43.76 35.94 -18.34
CA THR B 27 -42.45 35.55 -18.84
C THR B 27 -41.36 35.97 -17.87
N ASN B 28 -40.33 35.14 -17.73
CA ASN B 28 -39.23 35.53 -16.87
C ASN B 28 -38.40 36.61 -17.54
N PRO B 29 -37.80 37.51 -16.75
CA PRO B 29 -36.78 38.40 -17.31
C PRO B 29 -35.63 37.57 -17.85
N ARG B 30 -34.96 38.12 -18.87
CA ARG B 30 -33.78 37.47 -19.43
C ARG B 30 -32.53 37.87 -18.65
N ASP B 31 -32.55 37.58 -17.35
CA ASP B 31 -31.43 37.86 -16.46
C ASP B 31 -30.90 36.55 -15.87
N LEU B 32 -29.64 36.23 -16.14
CA LEU B 32 -29.07 35.00 -15.61
C LEU B 32 -29.07 35.02 -14.09
N GLY B 33 -28.63 36.12 -13.49
CA GLY B 33 -28.61 36.17 -12.04
C GLY B 33 -29.98 35.96 -11.42
N LYS B 34 -30.99 36.67 -11.94
CA LYS B 34 -32.32 36.59 -11.35
C LYS B 34 -32.90 35.19 -11.46
N ILE B 35 -32.77 34.57 -12.62
CA ILE B 35 -33.41 33.27 -12.83
C ILE B 35 -32.72 32.18 -12.01
N THR B 36 -31.39 32.22 -11.92
CA THR B 36 -30.73 31.21 -11.10
C THR B 36 -31.16 31.34 -9.64
N GLU B 37 -31.18 32.58 -9.12
CA GLU B 37 -31.65 32.81 -7.75
C GLU B 37 -33.06 32.26 -7.54
N GLU B 38 -33.94 32.40 -8.54
CA GLU B 38 -35.29 31.89 -8.38
C GLU B 38 -35.35 30.38 -8.52
N LEU B 39 -34.49 29.76 -9.34
CA LEU B 39 -34.40 28.30 -9.38
C LEU B 39 -33.89 27.73 -8.06
N LEU B 40 -32.84 28.33 -7.50
CA LEU B 40 -32.37 27.95 -6.19
C LEU B 40 -33.50 28.07 -5.15
N ASN B 41 -34.17 29.22 -5.12
CA ASN B 41 -35.28 29.41 -4.21
C ASN B 41 -36.38 28.38 -4.46
N ASN B 42 -36.77 28.19 -5.72
CA ASN B 42 -37.85 27.28 -6.05
C ASN B 42 -37.54 25.85 -5.61
N GLU B 43 -36.26 25.53 -5.41
CA GLU B 43 -35.93 24.16 -5.00
C GLU B 43 -36.38 23.92 -3.56
N LYS B 44 -36.17 24.88 -2.68
CA LYS B 44 -36.74 24.77 -1.35
C LYS B 44 -38.21 25.18 -1.30
N GLY B 45 -38.92 25.17 -2.44
CA GLY B 45 -40.35 25.38 -2.51
C GLY B 45 -40.83 26.81 -2.73
N ILE B 46 -39.95 27.79 -2.79
CA ILE B 46 -40.42 29.16 -2.97
C ILE B 46 -40.92 29.35 -4.40
N PRO B 47 -42.18 29.74 -4.60
CA PRO B 47 -42.65 29.97 -5.97
C PRO B 47 -41.89 31.11 -6.65
N PHE B 48 -41.76 31.01 -7.97
CA PHE B 48 -41.24 32.12 -8.77
C PHE B 48 -42.04 33.38 -8.46
N SER B 49 -41.36 34.52 -8.43
CA SER B 49 -42.14 35.76 -8.32
C SER B 49 -43.04 35.94 -9.53
N ALA B 50 -42.66 35.40 -10.69
CA ALA B 50 -43.56 35.38 -11.82
C ALA B 50 -44.79 34.52 -11.55
N THR B 51 -44.62 33.42 -10.80
CA THR B 51 -45.77 32.61 -10.41
C THR B 51 -46.72 33.40 -9.50
N VAL B 52 -46.17 34.22 -8.61
CA VAL B 52 -47.04 34.94 -7.70
C VAL B 52 -47.85 35.97 -8.48
N GLU B 53 -47.23 36.64 -9.46
CA GLU B 53 -48.00 37.56 -10.28
C GLU B 53 -49.00 36.82 -11.16
N LEU B 54 -48.66 35.62 -11.61
CA LEU B 54 -49.56 34.87 -12.49
C LEU B 54 -50.85 34.48 -11.78
N LEU B 55 -50.74 33.86 -10.61
CA LEU B 55 -51.91 33.38 -9.90
C LEU B 55 -52.77 34.54 -9.39
N LYS B 56 -52.14 35.64 -9.01
CA LYS B 56 -52.87 36.85 -8.63
C LYS B 56 -53.71 37.36 -9.80
N LYS B 57 -53.26 37.15 -11.03
CA LYS B 57 -54.01 37.54 -12.23
C LYS B 57 -55.05 36.49 -12.64
N VAL B 58 -54.71 35.22 -12.54
CA VAL B 58 -55.59 34.14 -13.01
C VAL B 58 -56.66 33.79 -11.99
N ASN B 59 -56.46 34.12 -10.71
CA ASN B 59 -57.35 33.83 -9.60
C ASN B 59 -57.95 32.41 -9.73
N PRO B 60 -57.11 31.39 -9.70
CA PRO B 60 -57.58 30.04 -9.98
C PRO B 60 -58.35 29.44 -8.82
N GLN B 61 -59.18 28.45 -9.16
CA GLN B 61 -59.97 27.73 -8.18
C GLN B 61 -59.20 26.58 -7.56
N GLU B 62 -58.29 25.95 -8.31
CA GLU B 62 -57.42 24.92 -7.79
C GLU B 62 -56.16 24.84 -8.65
N VAL B 63 -54.99 24.83 -8.02
CA VAL B 63 -53.70 24.86 -8.71
C VAL B 63 -53.01 23.51 -8.52
N VAL B 64 -52.69 22.85 -9.62
CA VAL B 64 -51.84 21.66 -9.60
C VAL B 64 -50.41 22.11 -9.86
N VAL B 65 -49.51 21.80 -8.93
CA VAL B 65 -48.11 22.13 -9.06
C VAL B 65 -47.30 20.85 -9.28
N GLU B 66 -46.02 21.03 -9.56
CA GLU B 66 -45.12 19.91 -9.84
C GLU B 66 -44.01 19.73 -8.80
N ASN B 67 -43.90 20.61 -7.81
CA ASN B 67 -42.90 20.50 -6.76
C ASN B 67 -43.60 20.46 -5.41
N GLU B 68 -43.48 19.34 -4.71
CA GLU B 68 -44.25 19.12 -3.50
C GLU B 68 -43.94 20.15 -2.43
N ALA B 69 -42.67 20.57 -2.32
CA ALA B 69 -42.35 21.55 -1.29
C ALA B 69 -43.02 22.88 -1.50
N GLU B 70 -43.60 23.09 -2.69
CA GLU B 70 -44.22 24.35 -3.03
C GLU B 70 -45.66 24.44 -2.55
N VAL B 71 -46.29 23.31 -2.25
CA VAL B 71 -47.70 23.27 -1.86
C VAL B 71 -47.97 24.11 -0.63
N PRO B 72 -47.28 23.90 0.51
CA PRO B 72 -47.51 24.81 1.64
C PRO B 72 -47.23 26.26 1.32
N LYS B 73 -46.24 26.54 0.48
CA LYS B 73 -45.92 27.94 0.21
C LYS B 73 -47.09 28.63 -0.45
N LEU B 74 -47.74 27.95 -1.40
CA LEU B 74 -48.84 28.58 -2.12
C LEU B 74 -50.10 28.57 -1.28
N GLN B 75 -50.32 27.52 -0.50
CA GLN B 75 -51.46 27.51 0.41
C GLN B 75 -51.40 28.68 1.36
N ALA B 76 -50.20 29.02 1.85
CA ALA B 76 -50.06 30.20 2.70
C ALA B 76 -50.38 31.50 1.97
N LEU B 77 -50.53 31.48 0.65
CA LEU B 77 -50.96 32.68 -0.05
C LEU B 77 -52.46 32.74 -0.21
N GLY B 78 -53.17 31.67 0.15
CA GLY B 78 -54.59 31.60 -0.03
C GLY B 78 -55.05 30.83 -1.24
N TYR B 79 -54.32 29.81 -1.65
CA TYR B 79 -54.71 29.02 -2.81
C TYR B 79 -54.98 27.58 -2.41
N ARG B 80 -55.83 26.94 -3.21
CA ARG B 80 -56.10 25.52 -3.12
C ARG B 80 -55.10 24.79 -4.01
N VAL B 81 -54.29 23.89 -3.43
CA VAL B 81 -53.09 23.40 -4.08
C VAL B 81 -53.00 21.88 -3.98
N SER B 82 -52.71 21.24 -5.10
CA SER B 82 -52.41 19.81 -5.13
C SER B 82 -51.12 19.58 -5.90
N TYR B 83 -50.47 18.48 -5.59
CA TYR B 83 -49.19 18.14 -6.16
C TYR B 83 -49.37 17.01 -7.16
N GLU B 84 -48.69 17.11 -8.30
CA GLU B 84 -48.81 16.01 -9.23
C GLU B 84 -47.50 15.78 -9.99
N PRO B 85 -46.91 14.60 -9.85
CA PRO B 85 -45.64 14.31 -10.55
C PRO B 85 -45.89 13.89 -12.00
N TYR B 86 -44.97 14.32 -12.87
CA TYR B 86 -44.95 14.00 -14.30
C TYR B 86 -46.36 13.98 -14.91
N SER B 87 -47.12 15.05 -14.65
CA SER B 87 -48.46 15.17 -15.21
C SER B 87 -48.43 15.20 -16.73
N LYS B 88 -49.54 14.74 -17.32
CA LYS B 88 -49.73 14.85 -18.76
C LYS B 88 -49.52 16.27 -19.25
N VAL B 89 -50.02 17.26 -18.51
CA VAL B 89 -49.96 18.64 -18.98
C VAL B 89 -48.52 19.14 -19.02
N SER B 90 -47.71 18.80 -18.02
CA SER B 90 -46.33 19.27 -18.01
C SER B 90 -45.47 18.54 -19.05
N ARG B 91 -45.85 17.33 -19.44
CA ARG B 91 -45.21 16.76 -20.62
C ARG B 91 -45.62 17.50 -21.88
N ILE B 92 -46.90 17.83 -22.01
CA ILE B 92 -47.34 18.59 -23.18
C ILE B 92 -46.59 19.91 -23.25
N PHE B 93 -46.39 20.57 -22.11
CA PHE B 93 -45.58 21.78 -22.10
C PHE B 93 -44.16 21.50 -22.56
N ARG B 94 -43.50 20.52 -21.95
CA ARG B 94 -42.11 20.24 -22.31
C ARG B 94 -41.94 19.79 -23.77
N GLU B 95 -42.98 19.18 -24.35
CA GLU B 95 -42.86 18.76 -25.74
C GLU B 95 -43.06 19.90 -26.72
N SER B 96 -43.49 21.08 -26.25
CA SER B 96 -43.70 22.23 -27.13
C SER B 96 -42.57 23.26 -27.02
N LEU B 97 -41.54 22.99 -26.21
CA LEU B 97 -40.33 23.78 -26.26
C LEU B 97 -39.55 23.31 -27.48
N PRO B 98 -38.76 24.20 -28.08
CA PRO B 98 -38.46 25.59 -27.72
C PRO B 98 -39.52 26.59 -28.17
N LYS B 99 -40.51 26.12 -28.94
CA LYS B 99 -41.46 27.00 -29.59
C LYS B 99 -42.20 27.87 -28.58
N VAL B 100 -42.70 27.27 -27.50
CA VAL B 100 -43.48 28.04 -26.54
C VAL B 100 -42.66 29.15 -25.91
N ALA B 101 -41.32 29.02 -25.90
CA ALA B 101 -40.50 30.15 -25.46
C ALA B 101 -40.54 31.32 -26.45
N ILE B 102 -40.75 31.04 -27.74
CA ILE B 102 -40.87 32.12 -28.71
C ILE B 102 -42.24 32.76 -28.62
N ASP B 103 -43.30 31.94 -28.51
CA ASP B 103 -44.66 32.49 -28.45
C ASP B 103 -44.83 33.43 -27.27
N ILE B 104 -44.46 32.99 -26.06
CA ILE B 104 -44.56 33.87 -24.89
C ILE B 104 -43.44 34.89 -24.85
N LYS B 105 -42.56 34.89 -25.86
CA LYS B 105 -41.64 36.01 -26.10
C LYS B 105 -40.50 36.08 -25.08
N PHE B 106 -40.16 34.95 -24.47
CA PHE B 106 -38.92 34.90 -23.70
C PHE B 106 -37.72 34.98 -24.62
N ALA B 107 -37.80 34.33 -25.78
CA ALA B 107 -36.73 34.29 -26.77
C ALA B 107 -37.27 34.66 -28.16
N SER B 108 -36.40 35.26 -28.98
CA SER B 108 -36.78 35.65 -30.33
C SER B 108 -36.76 34.48 -31.32
N ASN B 109 -35.85 33.53 -31.16
CA ASN B 109 -35.81 32.35 -32.03
C ASN B 109 -35.17 31.20 -31.26
N GLU B 110 -35.09 30.04 -31.91
CA GLU B 110 -34.61 28.84 -31.24
C GLU B 110 -33.16 29.01 -30.78
N GLU B 111 -32.32 29.55 -31.65
CA GLU B 111 -30.91 29.78 -31.31
C GLU B 111 -30.78 30.70 -30.09
N ASP B 112 -31.57 31.76 -30.06
CA ASP B 112 -31.56 32.70 -28.94
C ASP B 112 -31.94 31.99 -27.64
N TYR B 113 -33.01 31.20 -27.69
CA TYR B 113 -33.44 30.45 -26.52
C TYR B 113 -32.31 29.56 -25.99
N TYR B 114 -31.74 28.70 -26.86
CA TYR B 114 -30.76 27.71 -26.41
C TYR B 114 -29.45 28.35 -26.00
N ASN B 115 -29.08 29.46 -26.63
CA ASN B 115 -27.93 30.23 -26.17
C ASN B 115 -28.12 30.72 -24.74
N PHE B 116 -29.33 31.20 -24.41
CA PHE B 116 -29.56 31.66 -23.04
C PHE B 116 -29.61 30.48 -22.09
N LEU B 117 -30.38 29.45 -22.44
CA LEU B 117 -30.43 28.26 -21.61
C LEU B 117 -29.05 27.74 -21.28
N HIS B 118 -28.10 27.86 -22.22
CA HIS B 118 -26.77 27.30 -21.99
C HIS B 118 -25.99 28.12 -20.97
N GLU B 119 -25.95 29.44 -21.15
CA GLU B 119 -25.41 30.28 -20.09
C GLU B 119 -26.16 30.09 -18.77
N LEU B 120 -27.45 29.76 -18.81
CA LEU B 120 -28.20 29.58 -17.58
C LEU B 120 -27.70 28.36 -16.82
N SER B 121 -27.59 27.23 -17.51
CA SER B 121 -27.12 26.01 -16.85
C SER B 121 -25.73 26.19 -16.30
N LEU B 122 -24.85 26.87 -17.02
CA LEU B 122 -23.52 27.11 -16.49
C LEU B 122 -23.58 27.90 -15.19
N GLU B 123 -24.38 28.97 -15.17
CA GLU B 123 -24.46 29.82 -13.99
C GLU B 123 -25.11 29.09 -12.82
N TYR B 124 -26.23 28.41 -13.08
CA TYR B 124 -26.85 27.58 -12.07
C TYR B 124 -25.83 26.59 -11.48
N THR B 125 -25.08 25.91 -12.35
CA THR B 125 -24.14 24.91 -11.88
C THR B 125 -23.00 25.56 -11.09
N ARG B 126 -22.41 26.64 -11.61
CA ARG B 126 -21.36 27.33 -10.86
C ARG B 126 -21.82 27.68 -9.44
N ARG B 127 -23.08 28.11 -9.28
CA ARG B 127 -23.57 28.50 -7.95
C ARG B 127 -23.74 27.29 -7.05
N LYS B 128 -24.26 26.19 -7.58
CA LYS B 128 -24.37 24.99 -6.75
C LYS B 128 -23.00 24.42 -6.41
N LEU B 129 -22.00 24.59 -7.28
CA LEU B 129 -20.63 24.20 -6.95
C LEU B 129 -20.04 25.09 -5.85
N ARG B 130 -20.24 26.40 -5.94
CA ARG B 130 -19.77 27.29 -4.87
C ARG B 130 -20.39 26.92 -3.54
N SER B 131 -21.70 26.70 -3.50
CA SER B 131 -22.36 26.37 -2.23
C SER B 131 -21.80 25.08 -1.64
N ALA B 132 -21.61 24.05 -2.48
CA ALA B 132 -21.05 22.80 -1.95
C ALA B 132 -19.65 23.03 -1.40
N ALA B 133 -18.86 23.88 -2.06
CA ALA B 133 -17.51 24.13 -1.59
C ALA B 133 -17.48 24.90 -0.28
N GLN B 134 -18.56 25.59 0.09
CA GLN B 134 -18.63 26.35 1.34
C GLN B 134 -18.85 25.48 2.58
N LYS B 135 -19.37 24.27 2.42
CA LYS B 135 -19.64 23.40 3.55
C LYS B 135 -18.35 23.14 4.35
N ARG B 136 -18.37 23.50 5.62
CA ARG B 136 -17.15 23.48 6.42
C ARG B 136 -16.73 22.09 6.87
N ASP B 137 -17.62 21.09 6.79
CA ASP B 137 -17.18 19.74 7.08
C ASP B 137 -16.12 19.25 6.08
N LEU B 138 -16.06 19.85 4.88
CA LEU B 138 -14.98 19.49 3.94
C LEU B 138 -13.62 19.82 4.49
N LEU B 139 -13.53 20.86 5.33
CA LEU B 139 -12.22 21.21 5.85
C LEU B 139 -11.76 20.19 6.88
N ALA B 140 -12.66 19.77 7.78
CA ALA B 140 -12.29 18.70 8.71
C ALA B 140 -11.83 17.44 7.99
N ILE B 141 -12.50 17.12 6.87
CA ILE B 141 -12.24 15.87 6.20
C ILE B 141 -10.86 15.88 5.57
N GLN B 142 -10.54 16.94 4.83
CA GLN B 142 -9.21 17.04 4.24
C GLN B 142 -8.14 17.07 5.31
N ALA B 143 -8.40 17.80 6.38
CA ALA B 143 -7.39 17.91 7.43
C ALA B 143 -7.08 16.56 8.04
N VAL B 144 -8.10 15.76 8.35
CA VAL B 144 -7.80 14.49 8.99
C VAL B 144 -7.22 13.50 7.98
N ARG B 145 -7.57 13.61 6.69
CA ARG B 145 -6.91 12.78 5.69
C ARG B 145 -5.44 13.15 5.61
N ALA B 146 -5.13 14.45 5.62
CA ALA B 146 -3.74 14.85 5.63
C ALA B 146 -3.03 14.39 6.89
N MET B 147 -3.71 14.46 8.02
CA MET B 147 -3.09 14.04 9.27
C MET B 147 -2.82 12.55 9.26
N ASP B 148 -3.66 11.77 8.58
CA ASP B 148 -3.38 10.34 8.53
C ASP B 148 -2.22 10.03 7.56
N ASP B 149 -2.14 10.72 6.42
CA ASP B 149 -0.94 10.68 5.60
C ASP B 149 0.32 10.96 6.41
N ILE B 150 0.27 11.95 7.29
CA ILE B 150 1.46 12.33 8.06
C ILE B 150 1.85 11.22 9.04
N ASP B 151 0.88 10.65 9.75
CA ASP B 151 1.16 9.55 10.66
C ASP B 151 1.83 8.39 9.92
N LYS B 152 1.24 7.98 8.80
CA LYS B 152 1.80 6.91 8.01
C LYS B 152 3.23 7.23 7.55
N THR B 153 3.46 8.46 7.12
CA THR B 153 4.78 8.90 6.71
C THR B 153 5.75 8.89 7.89
N ILE B 154 5.30 9.36 9.05
CA ILE B 154 6.17 9.35 10.21
C ILE B 154 6.63 7.94 10.49
N ASN B 155 5.71 6.99 10.39
CA ASN B 155 6.05 5.61 10.67
C ASN B 155 6.95 5.03 9.59
N LEU B 156 6.64 5.30 8.31
CA LEU B 156 7.47 4.84 7.21
C LEU B 156 8.92 5.32 7.35
N PHE B 157 9.11 6.64 7.54
CA PHE B 157 10.45 7.22 7.64
C PHE B 157 11.17 6.78 8.90
N SER B 158 10.44 6.60 10.00
CA SER B 158 11.06 6.13 11.23
C SER B 158 11.52 4.69 11.08
N GLU B 159 10.75 3.87 10.35
CA GLU B 159 11.23 2.51 10.13
C GLU B 159 12.49 2.52 9.30
N ARG B 160 12.55 3.41 8.29
CA ARG B 160 13.71 3.53 7.44
C ARG B 160 14.91 4.03 8.23
N LEU B 161 14.69 5.06 9.04
CA LEU B 161 15.79 5.62 9.83
C LEU B 161 16.38 4.60 10.78
N ARG B 162 15.53 3.78 11.39
CA ARG B 162 16.05 2.76 12.29
C ARG B 162 16.94 1.76 11.55
N GLU B 163 16.55 1.33 10.34
CA GLU B 163 17.41 0.43 9.56
C GLU B 163 18.69 1.11 9.16
N TRP B 164 18.59 2.37 8.74
CA TRP B 164 19.72 3.08 8.17
C TRP B 164 20.72 3.46 9.24
N TYR B 165 20.24 3.96 10.36
CA TYR B 165 21.13 4.36 11.45
C TYR B 165 21.64 3.16 12.25
N SER B 166 20.90 2.05 12.28
CA SER B 166 21.41 0.85 12.92
C SER B 166 22.71 0.33 12.30
N ILE B 167 23.05 0.72 11.07
CA ILE B 167 24.35 0.36 10.51
C ILE B 167 25.47 0.91 11.37
N HIS B 168 25.26 2.09 11.95
CA HIS B 168 26.27 2.75 12.77
C HIS B 168 26.08 2.53 14.26
N PHE B 169 24.84 2.30 14.71
CA PHE B 169 24.52 2.18 16.13
C PHE B 169 23.31 1.26 16.30
N PRO B 170 23.49 -0.04 16.07
CA PRO B 170 22.31 -0.94 16.02
C PRO B 170 21.62 -1.14 17.36
N GLU B 171 22.35 -1.02 18.48
CA GLU B 171 21.75 -1.28 19.77
C GLU B 171 20.69 -0.23 20.13
N LEU B 172 20.79 0.99 19.58
CA LEU B 172 19.86 2.06 19.95
C LEU B 172 18.41 1.70 19.62
N ASP B 173 18.20 0.99 18.49
CA ASP B 173 16.88 0.64 17.99
C ASP B 173 16.02 0.04 19.09
N LYS B 174 16.51 -1.04 19.72
CA LYS B 174 15.73 -1.73 20.74
C LYS B 174 15.66 -0.95 22.06
N LEU B 175 16.55 0.02 22.27
CA LEU B 175 16.58 0.77 23.53
C LEU B 175 15.63 1.95 23.53
N ILE B 176 15.31 2.50 22.36
CA ILE B 176 14.46 3.67 22.23
C ILE B 176 13.23 3.24 21.45
N GLU B 177 12.14 2.98 22.15
CA GLU B 177 10.91 2.60 21.47
C GLU B 177 10.21 3.77 20.80
N ASP B 178 10.42 4.99 21.29
CA ASP B 178 9.66 6.12 20.77
C ASP B 178 10.34 6.73 19.54
N HIS B 179 9.63 6.74 18.41
CA HIS B 179 10.23 7.23 17.17
C HIS B 179 10.75 8.65 17.33
N GLU B 180 9.98 9.52 17.99
CA GLU B 180 10.39 10.92 18.06
C GLU B 180 11.67 11.07 18.87
N GLU B 181 11.83 10.31 19.96
CA GLU B 181 13.07 10.33 20.71
C GLU B 181 14.21 9.74 19.88
N TYR B 182 13.96 8.65 19.16
CA TYR B 182 15.00 8.07 18.34
C TYR B 182 15.48 9.08 17.31
N ALA B 183 14.53 9.72 16.60
CA ALA B 183 14.91 10.74 15.65
C ALA B 183 15.59 11.94 16.34
N THR B 184 15.23 12.23 17.59
CA THR B 184 15.91 13.32 18.30
C THR B 184 17.38 12.98 18.51
N ILE B 185 17.66 11.78 19.00
CA ILE B 185 19.05 11.37 19.22
C ILE B 185 19.84 11.45 17.93
N VAL B 186 19.27 10.97 16.81
CA VAL B 186 20.03 10.96 15.56
C VAL B 186 20.20 12.37 15.02
N SER B 187 19.16 13.20 15.13
CA SER B 187 19.28 14.60 14.73
C SER B 187 20.36 15.32 15.53
N ARG B 188 20.29 15.25 16.86
CA ARG B 188 21.16 16.05 17.71
C ARG B 188 22.62 15.60 17.60
N PHE B 189 22.86 14.29 17.65
CA PHE B 189 24.22 13.79 17.81
C PHE B 189 24.85 13.32 16.51
N GLY B 190 24.14 12.52 15.73
CA GLY B 190 24.77 11.84 14.62
C GLY B 190 25.69 10.72 15.08
N ASP B 191 26.99 10.98 15.04
CA ASP B 191 27.95 9.99 15.49
C ASP B 191 27.71 9.62 16.95
N ARG B 192 27.57 8.33 17.22
CA ARG B 192 27.31 7.88 18.58
C ARG B 192 28.42 8.28 19.55
N GLY B 193 29.63 8.54 19.04
CA GLY B 193 30.71 9.04 19.89
C GLY B 193 30.42 10.38 20.53
N PHE B 194 29.51 11.18 19.97
CA PHE B 194 29.22 12.50 20.52
C PHE B 194 28.27 12.46 21.71
N LEU B 195 27.71 11.30 22.06
CA LEU B 195 26.80 11.18 23.17
C LEU B 195 27.52 11.37 24.51
N THR B 196 26.90 12.13 25.42
CA THR B 196 27.43 12.36 26.76
C THR B 196 26.28 12.53 27.73
N ILE B 197 26.59 12.42 29.03
CA ILE B 197 25.60 12.61 30.08
C ILE B 197 24.87 13.94 29.90
N ASP B 198 25.66 15.03 29.94
CA ASP B 198 25.06 16.35 29.97
C ASP B 198 24.26 16.65 28.71
N SER B 199 24.79 16.30 27.54
CA SER B 199 24.05 16.55 26.32
C SER B 199 22.75 15.74 26.26
N LEU B 200 22.74 14.52 26.82
CA LEU B 200 21.51 13.73 26.85
C LEU B 200 20.54 14.23 27.91
N LYS B 201 21.07 14.55 29.10
CA LYS B 201 20.30 15.20 30.16
C LYS B 201 19.64 16.48 29.63
N GLU B 202 20.43 17.32 28.98
CA GLU B 202 19.93 18.54 28.36
C GLU B 202 18.75 18.29 27.43
N LEU B 203 18.70 17.14 26.76
CA LEU B 203 17.57 16.82 25.91
C LEU B 203 16.38 16.25 26.66
N GLY B 204 16.52 15.97 27.95
CA GLY B 204 15.40 15.55 28.75
C GLY B 204 15.32 14.08 29.08
N PHE B 205 16.38 13.32 28.82
CA PHE B 205 16.39 11.91 29.19
C PHE B 205 16.69 11.76 30.67
N ASN B 206 16.13 10.74 31.30
CA ASN B 206 16.46 10.51 32.71
C ASN B 206 17.73 9.69 32.83
N GLU B 207 18.25 9.65 34.07
CA GLU B 207 19.61 9.15 34.29
C GLU B 207 19.75 7.66 34.02
N GLN B 208 18.72 6.87 34.30
CA GLN B 208 18.83 5.44 34.02
C GLN B 208 18.87 5.19 32.52
N ARG B 209 17.95 5.84 31.80
CA ARG B 209 17.98 5.78 30.35
C ARG B 209 19.31 6.26 29.81
N ILE B 210 19.83 7.38 30.32
CA ILE B 210 21.09 7.89 29.81
C ILE B 210 22.20 6.89 30.05
N ASN B 211 22.14 6.17 31.16
CA ASN B 211 23.15 5.14 31.44
C ASN B 211 23.07 4.01 30.43
N ARG B 212 21.87 3.47 30.18
CA ARG B 212 21.73 2.39 29.22
C ARG B 212 22.22 2.82 27.84
N ILE B 213 22.00 4.09 27.47
CA ILE B 213 22.37 4.56 26.14
C ILE B 213 23.88 4.72 26.00
N LEU B 214 24.51 5.37 26.98
CA LEU B 214 25.96 5.57 26.89
C LEU B 214 26.69 4.25 27.01
N ASP B 215 26.11 3.29 27.74
CA ASP B 215 26.71 1.96 27.83
C ASP B 215 26.63 1.26 26.47
N ALA B 216 25.50 1.38 25.78
CA ALA B 216 25.37 0.74 24.48
C ALA B 216 26.24 1.41 23.45
N ALA B 217 26.32 2.74 23.49
CA ALA B 217 27.17 3.44 22.53
C ALA B 217 28.63 3.03 22.69
N LYS B 218 29.06 2.72 23.92
CA LYS B 218 30.46 2.37 24.11
C LYS B 218 30.75 0.94 23.67
N LYS B 219 29.84 0.01 23.96
CA LYS B 219 29.96 -1.38 23.52
C LYS B 219 29.66 -1.58 22.02
N SER B 220 29.23 -0.53 21.31
CA SER B 220 28.53 -0.72 20.04
C SER B 220 29.34 -1.53 19.04
N ILE B 221 28.66 -2.47 18.39
CA ILE B 221 29.20 -3.33 17.34
C ILE B 221 29.05 -2.63 15.98
N GLY B 222 28.57 -1.42 15.98
CA GLY B 222 28.28 -0.77 14.71
C GLY B 222 29.51 -0.28 13.97
N ALA B 223 29.31 0.10 12.72
CA ALA B 223 30.41 0.51 11.87
C ALA B 223 30.81 1.96 12.13
N ASP B 224 32.02 2.30 11.69
CA ASP B 224 32.46 3.68 11.61
C ASP B 224 32.11 4.21 10.23
N ILE B 225 31.33 5.28 10.17
CA ILE B 225 30.96 5.87 8.90
C ILE B 225 31.42 7.33 8.88
N SER B 226 31.33 7.94 7.70
CA SER B 226 31.80 9.30 7.57
C SER B 226 30.75 10.31 8.07
N GLU B 227 31.15 11.57 8.07
CA GLU B 227 30.24 12.64 8.48
C GLU B 227 29.17 12.86 7.42
N ASP B 228 29.55 12.75 6.14
CA ASP B 228 28.58 12.86 5.06
C ASP B 228 27.55 11.73 5.12
N ASP B 229 27.99 10.52 5.48
CA ASP B 229 27.04 9.42 5.63
C ASP B 229 26.08 9.73 6.76
N LEU B 230 26.61 10.18 7.90
CA LEU B 230 25.74 10.55 9.01
C LEU B 230 24.78 11.65 8.60
N SER B 231 25.24 12.60 7.77
CA SER B 231 24.37 13.74 7.44
C SER B 231 23.21 13.33 6.54
N ALA B 232 23.41 12.33 5.68
CA ALA B 232 22.27 11.84 4.90
C ALA B 232 21.20 11.26 5.81
N MET B 233 21.63 10.59 6.90
CA MET B 233 20.67 10.03 7.84
C MET B 233 19.94 11.12 8.64
N ARG B 234 20.67 12.16 9.06
CA ARG B 234 20.08 13.23 9.85
C ARG B 234 19.04 14.02 9.06
N MET B 235 19.11 14.00 7.73
CA MET B 235 18.07 14.64 6.94
C MET B 235 16.73 13.95 7.16
N ILE B 236 16.74 12.62 7.25
CA ILE B 236 15.50 11.90 7.53
C ILE B 236 15.03 12.19 8.96
N ALA B 237 15.95 12.19 9.92
CA ALA B 237 15.56 12.40 11.30
C ALA B 237 14.93 13.77 11.48
N ASN B 238 15.57 14.81 10.95
CA ASN B 238 15.00 16.16 11.02
C ASN B 238 13.65 16.23 10.35
N THR B 239 13.50 15.58 9.19
CA THR B 239 12.17 15.55 8.56
C THR B 239 11.13 14.92 9.48
N ILE B 240 11.48 13.84 10.18
CA ILE B 240 10.55 13.20 11.10
C ILE B 240 10.15 14.19 12.20
N LEU B 241 11.13 14.87 12.78
CA LEU B 241 10.81 15.85 13.82
C LEU B 241 9.88 16.92 13.27
N ASP B 242 10.16 17.45 12.08
CA ASP B 242 9.25 18.42 11.50
C ASP B 242 7.86 17.85 11.30
N LEU B 243 7.76 16.56 10.98
CA LEU B 243 6.45 15.98 10.68
C LEU B 243 5.61 15.87 11.95
N TYR B 244 6.24 15.55 13.07
CA TYR B 244 5.49 15.48 14.31
C TYR B 244 4.92 16.86 14.68
N ASN B 245 5.67 17.92 14.37
CA ASN B 245 5.21 19.28 14.67
C ASN B 245 4.00 19.63 13.82
N ILE B 246 4.05 19.31 12.52
CA ILE B 246 2.88 19.50 11.66
C ILE B 246 1.72 18.63 12.14
N ARG B 247 2.01 17.40 12.59
CA ARG B 247 0.94 16.50 13.01
C ARG B 247 0.18 17.11 14.19
N ARG B 248 0.91 17.70 15.13
CA ARG B 248 0.30 18.32 16.30
C ARG B 248 -0.45 19.60 15.93
N ASN B 249 0.08 20.40 15.00
CA ASN B 249 -0.68 21.56 14.54
C ASN B 249 -1.97 21.12 13.89
N LEU B 250 -1.89 20.16 12.97
CA LEU B 250 -3.10 19.72 12.30
C LEU B 250 -4.12 19.23 13.30
N ASN B 251 -3.64 18.59 14.37
CA ASN B 251 -4.58 18.05 15.34
C ASN B 251 -5.26 19.16 16.12
N ASN B 252 -4.52 20.24 16.40
CA ASN B 252 -5.13 21.40 17.04
C ASN B 252 -6.07 22.10 16.08
N TYR B 253 -5.67 22.24 14.82
CA TYR B 253 -6.59 22.81 13.84
C TYR B 253 -7.88 21.99 13.78
N LEU B 254 -7.74 20.67 13.70
CA LEU B 254 -8.90 19.82 13.55
C LEU B 254 -9.82 19.92 14.77
N GLU B 255 -9.26 20.12 15.95
CA GLU B 255 -10.07 20.28 17.15
C GLU B 255 -11.04 21.45 17.03
N GLY B 256 -10.52 22.61 16.61
CA GLY B 256 -11.40 23.77 16.49
C GLY B 256 -12.46 23.59 15.42
N VAL B 257 -12.09 22.98 14.29
CA VAL B 257 -13.08 22.84 13.23
C VAL B 257 -14.16 21.85 13.63
N MET B 258 -13.77 20.73 14.27
CA MET B 258 -14.74 19.71 14.64
C MET B 258 -15.67 20.17 15.76
N LYS B 259 -15.17 20.97 16.70
CA LYS B 259 -16.06 21.52 17.70
C LYS B 259 -17.09 22.42 17.03
N GLU B 260 -16.66 23.17 16.02
CA GLU B 260 -17.59 23.99 15.23
C GLU B 260 -18.54 23.13 14.40
N VAL B 261 -18.03 22.09 13.74
CA VAL B 261 -18.80 21.38 12.72
C VAL B 261 -19.64 20.25 13.32
N ALA B 262 -19.11 19.49 14.28
CA ALA B 262 -19.83 18.35 14.85
C ALA B 262 -19.45 18.17 16.31
N PRO B 263 -19.84 19.12 17.16
CA PRO B 263 -19.50 19.05 18.60
C PRO B 263 -20.06 17.83 19.33
N ASN B 264 -21.20 17.33 18.91
CA ASN B 264 -21.75 16.18 19.64
C ASN B 264 -20.98 14.92 19.31
N VAL B 265 -20.62 14.72 18.04
CA VAL B 265 -19.75 13.61 17.69
C VAL B 265 -18.40 13.78 18.38
N THR B 266 -17.87 15.01 18.39
CA THR B 266 -16.59 15.27 19.02
C THR B 266 -16.63 14.96 20.49
N ALA B 267 -17.75 15.28 21.17
CA ALA B 267 -17.85 14.97 22.58
C ALA B 267 -17.71 13.47 22.84
N LEU B 268 -18.17 12.65 21.90
CA LEU B 268 -18.14 11.21 22.10
C LEU B 268 -16.80 10.59 21.75
N VAL B 269 -16.21 10.95 20.61
CA VAL B 269 -15.04 10.20 20.11
C VAL B 269 -13.80 11.07 19.93
N GLY B 270 -13.88 12.38 20.16
CA GLY B 270 -12.76 13.24 19.93
C GLY B 270 -12.69 13.72 18.49
N PRO B 271 -11.87 14.73 18.22
CA PRO B 271 -11.93 15.36 16.89
C PRO B 271 -11.30 14.50 15.78
N ALA B 272 -10.20 13.83 16.05
CA ALA B 272 -9.58 13.02 14.99
C ALA B 272 -10.52 11.90 14.55
N LEU B 273 -10.92 11.03 15.48
CA LEU B 273 -11.80 9.93 15.14
C LEU B 273 -13.15 10.42 14.62
N GLY B 274 -13.65 11.54 15.14
CA GLY B 274 -14.86 12.13 14.58
C GLY B 274 -14.70 12.50 13.12
N ALA B 275 -13.60 13.17 12.80
CA ALA B 275 -13.35 13.54 11.41
C ALA B 275 -13.12 12.32 10.50
N ARG B 276 -12.55 11.23 11.03
CA ARG B 276 -12.41 10.03 10.21
C ARG B 276 -13.76 9.44 9.86
N LEU B 277 -14.70 9.49 10.82
CA LEU B 277 -16.06 9.08 10.49
C LEU B 277 -16.64 9.95 9.39
N LEU B 278 -16.40 11.27 9.44
CA LEU B 278 -16.88 12.13 8.37
C LEU B 278 -16.23 11.76 7.04
N SER B 279 -14.91 11.53 7.07
CA SER B 279 -14.17 11.25 5.85
C SER B 279 -14.71 10.01 5.16
N ILE B 280 -14.94 8.94 5.91
CA ILE B 280 -15.42 7.70 5.32
C ILE B 280 -16.87 7.85 4.88
N ALA B 281 -17.70 8.53 5.68
CA ALA B 281 -19.09 8.79 5.26
C ALA B 281 -19.13 9.71 4.03
N GLY B 282 -18.25 10.71 3.98
CA GLY B 282 -18.21 11.68 2.92
C GLY B 282 -18.66 13.07 3.32
N SER B 283 -19.48 13.16 4.36
CA SER B 283 -19.98 14.44 4.84
C SER B 283 -20.78 14.19 6.09
N LEU B 284 -21.03 15.26 6.84
CA LEU B 284 -21.86 15.15 8.03
C LEU B 284 -23.28 14.73 7.65
N ASP B 285 -23.84 15.33 6.59
CA ASP B 285 -25.18 14.97 6.15
C ASP B 285 -25.27 13.49 5.81
N GLU B 286 -24.25 12.96 5.13
CA GLU B 286 -24.25 11.54 4.85
C GLU B 286 -24.14 10.72 6.13
N LEU B 287 -23.26 11.14 7.04
CA LEU B 287 -23.10 10.41 8.30
C LEU B 287 -24.41 10.34 9.07
N ALA B 288 -25.21 11.40 9.01
CA ALA B 288 -26.44 11.45 9.80
C ALA B 288 -27.58 10.70 9.16
N LYS B 289 -27.40 10.16 7.94
CA LYS B 289 -28.41 9.27 7.39
C LYS B 289 -28.16 7.82 7.77
N MET B 290 -26.96 7.48 8.23
CA MET B 290 -26.59 6.09 8.42
C MET B 290 -27.19 5.54 9.71
N PRO B 291 -27.67 4.30 9.67
CA PRO B 291 -28.04 3.62 10.91
C PRO B 291 -26.80 3.25 11.72
N ALA B 292 -26.98 3.16 13.03
CA ALA B 292 -25.93 2.74 13.95
C ALA B 292 -25.14 1.56 13.42
N SER B 293 -25.81 0.56 12.86
CA SER B 293 -25.10 -0.63 12.44
C SER B 293 -24.18 -0.38 11.24
N THR B 294 -24.39 0.71 10.49
CA THR B 294 -23.47 1.07 9.42
C THR B 294 -22.31 1.87 9.96
N ILE B 295 -22.62 2.84 10.82
CA ILE B 295 -21.59 3.60 11.53
C ILE B 295 -20.63 2.65 12.23
N GLN B 296 -21.17 1.57 12.81
CA GLN B 296 -20.34 0.62 13.54
C GLN B 296 -19.22 0.03 12.69
N VAL B 297 -19.43 -0.12 11.38
CA VAL B 297 -18.43 -0.77 10.54
C VAL B 297 -17.82 0.16 9.48
N LEU B 298 -18.07 1.46 9.55
CA LEU B 298 -17.33 2.40 8.73
C LEU B 298 -15.83 2.16 8.88
N GLY B 299 -15.15 1.93 7.76
CA GLY B 299 -13.74 1.63 7.76
C GLY B 299 -13.41 0.14 7.64
N ALA B 300 -14.39 -0.74 7.74
CA ALA B 300 -14.15 -2.17 7.71
C ALA B 300 -14.65 -2.81 6.41
N GLU B 301 -14.70 -2.00 5.34
CA GLU B 301 -15.32 -2.41 4.08
C GLU B 301 -14.66 -3.62 3.47
N LYS B 302 -13.34 -3.75 3.61
CA LYS B 302 -12.67 -4.93 3.09
C LYS B 302 -13.15 -6.19 3.82
N ALA B 303 -13.09 -6.18 5.16
CA ALA B 303 -13.54 -7.35 5.92
C ALA B 303 -15.02 -7.62 5.68
N LEU B 304 -15.84 -6.57 5.64
CA LEU B 304 -17.27 -6.77 5.49
C LEU B 304 -17.60 -7.44 4.15
N PHE B 305 -17.04 -6.93 3.05
CA PHE B 305 -17.37 -7.53 1.77
C PHE B 305 -16.65 -8.87 1.54
N ARG B 306 -15.46 -9.07 2.13
CA ARG B 306 -14.89 -10.43 2.15
C ARG B 306 -15.87 -11.40 2.79
N ALA B 307 -16.47 -11.02 3.93
CA ALA B 307 -17.39 -11.93 4.61
C ALA B 307 -18.71 -12.03 3.87
N LEU B 308 -19.18 -10.93 3.30
CA LEU B 308 -20.44 -10.95 2.59
C LEU B 308 -20.39 -11.88 1.39
N ARG B 309 -19.20 -12.07 0.81
CA ARG B 309 -19.01 -13.02 -0.28
C ARG B 309 -18.83 -14.43 0.26
N SER B 310 -17.68 -14.69 0.91
CA SER B 310 -17.31 -16.01 1.40
C SER B 310 -18.26 -16.56 2.46
N GLY B 311 -19.10 -15.72 3.05
CA GLY B 311 -19.90 -16.15 4.17
C GLY B 311 -19.16 -16.19 5.49
N GLY B 312 -17.90 -15.78 5.53
CA GLY B 312 -17.09 -15.80 6.73
C GLY B 312 -17.58 -14.89 7.84
N ARG B 313 -16.74 -14.64 8.84
CA ARG B 313 -17.17 -13.88 10.01
C ARG B 313 -17.13 -12.38 9.72
N PRO B 314 -18.21 -11.66 9.98
CA PRO B 314 -18.25 -10.21 9.65
C PRO B 314 -17.44 -9.40 10.65
N PRO B 315 -17.07 -8.16 10.31
CA PRO B 315 -16.32 -7.33 11.26
C PRO B 315 -17.23 -6.77 12.35
N LYS B 316 -16.67 -6.68 13.57
CA LYS B 316 -17.37 -6.12 14.71
C LYS B 316 -17.28 -4.61 14.79
N HIS B 317 -16.37 -4.00 14.03
CA HIS B 317 -16.11 -2.57 14.17
C HIS B 317 -15.25 -2.12 12.99
N GLY B 318 -15.46 -0.88 12.58
CA GLY B 318 -14.57 -0.25 11.63
C GLY B 318 -13.54 0.61 12.32
N ILE B 319 -13.43 1.87 11.89
CA ILE B 319 -12.45 2.78 12.44
C ILE B 319 -12.71 3.09 13.92
N ILE B 320 -13.94 2.93 14.40
CA ILE B 320 -14.20 3.13 15.83
C ILE B 320 -13.41 2.17 16.71
N PHE B 321 -12.73 1.19 16.14
CA PHE B 321 -11.84 0.34 16.92
C PHE B 321 -10.76 1.19 17.59
N GLN B 322 -10.48 2.37 17.03
CA GLN B 322 -9.56 3.35 17.61
C GLN B 322 -10.08 3.93 18.92
N TYR B 323 -11.37 3.85 19.18
CA TYR B 323 -11.93 4.27 20.47
C TYR B 323 -11.32 3.44 21.60
N PRO B 324 -10.66 4.05 22.60
CA PRO B 324 -9.84 3.26 23.54
C PRO B 324 -10.57 2.11 24.20
N ALA B 325 -11.80 2.33 24.66
CA ALA B 325 -12.52 1.27 25.36
C ALA B 325 -12.86 0.10 24.45
N ILE B 326 -12.70 0.26 23.13
CA ILE B 326 -12.84 -0.88 22.24
C ILE B 326 -11.52 -1.64 22.13
N HIS B 327 -10.47 -0.98 21.67
CA HIS B 327 -9.26 -1.77 21.41
C HIS B 327 -8.52 -2.14 22.70
N THR B 328 -8.76 -1.48 23.84
CA THR B 328 -8.10 -1.89 25.07
C THR B 328 -8.92 -2.85 25.90
N SER B 329 -10.03 -3.34 25.39
CA SER B 329 -10.86 -4.30 26.08
C SER B 329 -10.72 -5.67 25.47
N PRO B 330 -11.14 -6.74 26.17
CA PRO B 330 -10.99 -8.09 25.60
C PRO B 330 -11.91 -8.31 24.41
N ARG B 331 -11.44 -9.16 23.47
CA ARG B 331 -12.17 -9.42 22.24
C ARG B 331 -13.66 -9.68 22.49
N TRP B 332 -13.98 -10.44 23.54
CA TRP B 332 -15.36 -10.87 23.72
C TRP B 332 -16.26 -9.73 24.15
N GLN B 333 -15.71 -8.64 24.68
CA GLN B 333 -16.53 -7.48 25.03
C GLN B 333 -16.73 -6.50 23.88
N ARG B 334 -16.00 -6.64 22.77
CA ARG B 334 -15.85 -5.52 21.84
C ARG B 334 -17.08 -5.29 20.98
N GLY B 335 -17.70 -6.35 20.48
CA GLY B 335 -18.95 -6.19 19.77
C GLY B 335 -19.93 -5.33 20.54
N LYS B 336 -20.20 -5.70 21.80
CA LYS B 336 -21.22 -5.00 22.58
C LYS B 336 -20.84 -3.54 22.80
N ILE B 337 -19.58 -3.27 23.13
CA ILE B 337 -19.16 -1.89 23.31
C ILE B 337 -19.30 -1.10 22.00
N ALA B 338 -18.90 -1.70 20.87
CA ALA B 338 -18.99 -1.00 19.59
C ALA B 338 -20.44 -0.69 19.23
N ARG B 339 -21.38 -1.59 19.57
CA ARG B 339 -22.79 -1.32 19.31
C ARG B 339 -23.33 -0.23 20.22
N ALA B 340 -22.80 -0.09 21.43
CA ALA B 340 -23.21 1.02 22.28
C ALA B 340 -22.68 2.34 21.75
N LEU B 341 -21.42 2.35 21.29
CA LEU B 341 -20.87 3.58 20.75
C LEU B 341 -21.56 3.96 19.45
N ALA B 342 -21.76 2.99 18.55
CA ALA B 342 -22.43 3.31 17.29
C ALA B 342 -23.80 3.92 17.55
N ALA B 343 -24.51 3.42 18.57
CA ALA B 343 -25.84 3.95 18.87
C ALA B 343 -25.77 5.42 19.25
N LYS B 344 -24.77 5.81 20.03
CA LYS B 344 -24.67 7.20 20.44
C LYS B 344 -24.12 8.07 19.32
N LEU B 345 -23.24 7.51 18.47
CA LEU B 345 -22.75 8.24 17.31
C LEU B 345 -23.89 8.61 16.37
N ALA B 346 -24.79 7.66 16.10
CA ALA B 346 -25.91 7.93 15.21
C ALA B 346 -26.75 9.10 15.74
N ILE B 347 -27.00 9.12 17.05
CA ILE B 347 -27.75 10.23 17.65
C ILE B 347 -26.94 11.52 17.54
N ALA B 348 -25.67 11.48 17.94
CA ALA B 348 -24.86 12.69 17.91
C ALA B 348 -24.80 13.29 16.52
N ALA B 349 -24.69 12.45 15.48
CA ALA B 349 -24.57 12.93 14.11
C ALA B 349 -25.85 13.64 13.65
N ARG B 350 -27.02 13.11 14.03
CA ARG B 350 -28.27 13.77 13.66
C ARG B 350 -28.42 15.11 14.35
N VAL B 351 -28.04 15.18 15.63
CA VAL B 351 -28.13 16.45 16.33
C VAL B 351 -27.19 17.46 15.68
N ASP B 352 -26.00 17.02 15.29
CA ASP B 352 -25.08 17.93 14.63
C ASP B 352 -25.58 18.34 13.24
N ALA B 353 -26.09 17.40 12.45
CA ALA B 353 -26.48 17.73 11.08
C ALA B 353 -27.71 18.64 11.04
N PHE B 354 -28.56 18.57 12.06
CA PHE B 354 -29.76 19.40 12.09
C PHE B 354 -29.65 20.55 13.06
N SER B 355 -28.45 20.80 13.60
CA SER B 355 -28.18 21.95 14.47
C SER B 355 -29.06 21.93 15.72
N GLY B 356 -29.38 20.75 16.23
CA GLY B 356 -30.09 20.63 17.48
C GLY B 356 -29.24 21.11 18.66
N ARG B 357 -29.84 21.04 19.84
CA ARG B 357 -29.17 21.55 21.02
C ARG B 357 -28.07 20.57 21.44
N PHE B 358 -26.90 21.12 21.77
CA PHE B 358 -25.76 20.34 22.24
C PHE B 358 -26.09 19.44 23.44
N ILE B 359 -26.06 18.13 23.23
CA ILE B 359 -26.24 17.15 24.28
C ILE B 359 -25.06 16.18 24.34
N GLY B 360 -23.91 16.56 23.77
CA GLY B 360 -22.83 15.60 23.60
C GLY B 360 -22.26 15.10 24.92
N ASP B 361 -22.09 16.01 25.88
CA ASP B 361 -21.59 15.60 27.19
C ASP B 361 -22.52 14.59 27.85
N GLN B 362 -23.84 14.72 27.64
CA GLN B 362 -24.77 13.76 28.23
C GLN B 362 -24.72 12.43 27.50
N LEU B 363 -24.61 12.47 26.17
CA LEU B 363 -24.38 11.22 25.42
C LEU B 363 -23.15 10.48 25.94
N ASN B 364 -22.09 11.23 26.26
CA ASN B 364 -20.86 10.63 26.77
C ASN B 364 -21.12 9.91 28.10
N GLU B 365 -21.80 10.59 29.03
CA GLU B 365 -22.13 10.00 30.33
C GLU B 365 -22.97 8.74 30.18
N GLN B 366 -24.03 8.81 29.36
CA GLN B 366 -24.85 7.62 29.11
C GLN B 366 -23.99 6.46 28.59
N LEU B 367 -23.00 6.76 27.72
CA LEU B 367 -22.16 5.71 27.15
C LEU B 367 -21.18 5.16 28.18
N LYS B 368 -20.43 6.04 28.85
CA LYS B 368 -19.49 5.59 29.87
C LYS B 368 -20.17 4.65 30.86
N LYS B 369 -21.39 5.00 31.27
CA LYS B 369 -22.11 4.15 32.21
C LYS B 369 -22.58 2.85 31.56
N ARG B 370 -22.93 2.89 30.27
CA ARG B 370 -23.32 1.65 29.61
C ARG B 370 -22.13 0.73 29.39
N ILE B 371 -20.96 1.31 29.14
CA ILE B 371 -19.74 0.52 29.03
C ILE B 371 -19.40 -0.10 30.36
N ASP B 372 -19.61 0.65 31.45
CA ASP B 372 -19.43 0.11 32.80
C ASP B 372 -20.30 -1.13 33.02
N GLU B 373 -21.55 -1.09 32.55
CA GLU B 373 -22.40 -2.26 32.65
C GLU B 373 -21.74 -3.46 31.99
N ILE B 374 -21.16 -3.25 30.80
CA ILE B 374 -20.65 -4.36 30.01
C ILE B 374 -19.41 -4.96 30.65
N LYS B 375 -18.51 -4.12 31.20
CA LYS B 375 -17.24 -4.64 31.69
C LYS B 375 -17.41 -5.66 32.81
N GLU B 376 -18.58 -5.71 33.47
CA GLU B 376 -18.95 -6.83 34.32
C GLU B 376 -19.24 -8.07 33.47
N LYS B 377 -18.20 -8.57 32.79
CA LYS B 377 -18.26 -9.78 31.99
C LYS B 377 -16.90 -10.48 32.01
N SER C 2 -5.38 -14.29 31.20
CA SER C 2 -5.99 -15.56 31.60
C SER C 2 -5.16 -16.30 32.68
N GLU C 3 -5.84 -17.03 33.56
CA GLU C 3 -5.26 -17.49 34.83
C GLU C 3 -4.81 -18.95 34.74
N VAL C 4 -3.65 -19.25 35.32
CA VAL C 4 -3.07 -20.58 35.20
C VAL C 4 -3.63 -21.49 36.29
N ILE C 5 -4.26 -22.58 35.86
CA ILE C 5 -4.68 -23.63 36.80
C ILE C 5 -3.47 -24.40 37.31
N THR C 6 -2.76 -25.06 36.39
CA THR C 6 -1.60 -25.89 36.74
C THR C 6 -0.67 -25.98 35.52
N VAL C 7 0.57 -26.41 35.78
CA VAL C 7 1.50 -26.76 34.72
C VAL C 7 2.09 -28.13 35.05
N LYS C 8 1.90 -29.11 34.18
CA LYS C 8 2.35 -30.46 34.45
C LYS C 8 3.36 -30.89 33.41
N GLN C 9 4.32 -31.72 33.84
CA GLN C 9 5.29 -32.25 32.90
C GLN C 9 4.59 -33.14 31.89
N THR C 10 5.09 -33.14 30.66
CA THR C 10 4.56 -33.95 29.61
C THR C 10 5.41 -35.21 29.47
N ASN C 11 5.08 -36.02 28.46
CA ASN C 11 5.85 -37.21 28.16
C ASN C 11 7.33 -36.91 27.93
N MET C 12 7.63 -35.78 27.27
CA MET C 12 9.01 -35.43 26.91
C MET C 12 9.65 -34.59 28.00
N GLU C 13 10.92 -34.86 28.26
CA GLU C 13 11.59 -34.29 29.42
C GLU C 13 11.76 -32.79 29.25
N ASN C 14 11.44 -32.04 30.31
CA ASN C 14 11.60 -30.59 30.41
C ASN C 14 10.70 -29.81 29.48
N ILE C 15 9.74 -30.47 28.82
CA ILE C 15 8.66 -29.80 28.11
C ILE C 15 7.40 -29.93 28.95
N TYR C 16 6.79 -28.81 29.33
CA TYR C 16 5.63 -28.81 30.21
C TYR C 16 4.39 -28.32 29.46
N GLU C 17 3.23 -28.65 30.00
CA GLU C 17 1.96 -28.23 29.43
C GLU C 17 1.19 -27.46 30.48
N CYS C 18 0.79 -26.24 30.14
CA CYS C 18 0.12 -25.37 31.07
C CYS C 18 -1.38 -25.41 30.83
N GLU C 19 -2.15 -25.35 31.91
CA GLU C 19 -3.60 -25.40 31.84
C GLU C 19 -4.19 -24.08 32.30
N PHE C 20 -5.13 -23.55 31.53
CA PHE C 20 -5.79 -22.29 31.86
C PHE C 20 -7.27 -22.53 32.12
N ASN C 21 -7.87 -21.65 32.93
CA ASN C 21 -9.27 -21.85 33.28
C ASN C 21 -10.21 -21.62 32.11
N ASP C 22 -9.73 -21.02 31.02
CA ASP C 22 -10.50 -20.99 29.78
C ASP C 22 -10.51 -22.36 29.09
N GLY C 23 -10.11 -23.42 29.78
CA GLY C 23 -10.04 -24.74 29.19
C GLY C 23 -9.04 -24.92 28.08
N SER C 24 -8.14 -23.96 27.86
CA SER C 24 -7.10 -24.09 26.85
C SER C 24 -5.78 -24.54 27.48
N PHE C 25 -4.97 -25.22 26.67
CA PHE C 25 -3.65 -25.72 27.05
C PHE C 25 -2.58 -25.09 26.14
N ARG C 26 -1.43 -24.79 26.71
CA ARG C 26 -0.31 -24.27 25.94
C ARG C 26 0.99 -24.89 26.44
N LEU C 27 1.84 -25.32 25.51
CA LEU C 27 3.14 -25.84 25.87
C LEU C 27 3.99 -24.73 26.47
N CYS C 28 4.91 -25.12 27.35
CA CYS C 28 5.86 -24.19 27.91
C CYS C 28 7.11 -24.96 28.33
N THR C 29 8.15 -24.22 28.66
CA THR C 29 9.42 -24.78 29.10
C THR C 29 9.80 -24.05 30.36
N ARG C 30 10.72 -24.64 31.12
CA ARG C 30 11.23 -23.97 32.31
C ARG C 30 12.24 -22.91 31.90
N ASN C 31 12.07 -21.71 32.42
CA ASN C 31 12.87 -20.58 31.97
C ASN C 31 14.29 -20.70 32.51
N LEU C 32 15.25 -20.91 31.61
CA LEU C 32 16.64 -20.94 32.03
C LEU C 32 17.10 -19.60 32.59
N VAL C 33 16.44 -18.51 32.21
CA VAL C 33 16.84 -17.19 32.67
C VAL C 33 15.62 -16.51 33.30
N PRO C 34 15.37 -16.77 34.58
CA PRO C 34 14.13 -16.29 35.21
C PRO C 34 14.01 -14.78 35.16
N ASN C 35 12.80 -14.32 34.87
CA ASN C 35 12.34 -12.91 34.79
C ASN C 35 12.66 -12.23 33.46
N PHE C 36 13.17 -12.95 32.46
CA PHE C 36 13.38 -12.37 31.14
C PHE C 36 12.56 -13.12 30.11
N ASN C 37 12.02 -12.38 29.15
CA ASN C 37 11.35 -12.95 27.99
C ASN C 37 12.25 -12.78 26.77
N VAL C 38 11.93 -13.51 25.71
CA VAL C 38 12.69 -13.48 24.48
C VAL C 38 11.94 -12.76 23.36
N TYR C 39 10.73 -13.20 23.07
CA TYR C 39 9.96 -12.65 21.96
C TYR C 39 8.58 -12.20 22.42
N GLY C 40 8.49 -11.67 23.64
CA GLY C 40 7.22 -11.27 24.22
C GLY C 40 6.35 -12.38 24.77
N GLU C 41 6.88 -13.60 24.92
CA GLU C 41 6.06 -14.69 25.42
C GLU C 41 5.77 -14.50 26.90
N ARG C 42 4.71 -15.16 27.36
CA ARG C 42 4.22 -14.95 28.71
C ARG C 42 5.04 -15.76 29.72
N LEU C 43 5.52 -15.09 30.77
CA LEU C 43 6.19 -15.75 31.88
C LEU C 43 5.14 -16.23 32.88
N ILE C 44 5.13 -17.53 33.15
CA ILE C 44 4.11 -18.16 33.97
C ILE C 44 4.76 -18.68 35.24
N LYS C 45 4.29 -18.19 36.39
CA LYS C 45 4.77 -18.66 37.68
C LYS C 45 3.80 -19.69 38.25
N TYR C 46 4.35 -20.80 38.74
CA TYR C 46 3.54 -21.87 39.29
C TYR C 46 4.42 -22.66 40.24
N GLU C 47 3.95 -22.81 41.48
CA GLU C 47 4.64 -23.55 42.53
C GLU C 47 6.12 -23.18 42.59
N GLY C 48 6.40 -21.88 42.51
CA GLY C 48 7.73 -21.35 42.69
C GLY C 48 8.70 -21.48 41.53
N VAL C 49 8.24 -21.87 40.34
CA VAL C 49 9.11 -22.00 39.18
C VAL C 49 8.51 -21.25 38.00
N GLU C 50 9.33 -20.40 37.36
CA GLU C 50 8.90 -19.62 36.21
C GLU C 50 9.02 -20.43 34.93
N TYR C 51 7.96 -20.36 34.11
CA TYR C 51 7.93 -21.01 32.81
C TYR C 51 7.72 -19.97 31.72
N ARG C 52 8.10 -20.36 30.49
CA ARG C 52 7.91 -19.52 29.30
C ARG C 52 6.92 -20.21 28.38
N GLU C 53 5.80 -19.55 28.10
CA GLU C 53 4.85 -20.10 27.14
C GLU C 53 5.54 -20.33 25.79
N TRP C 54 5.16 -21.41 25.11
CA TRP C 54 5.83 -21.84 23.88
C TRP C 54 4.81 -21.81 22.74
N ASN C 55 4.84 -20.76 21.93
CA ASN C 55 3.82 -20.54 20.91
C ASN C 55 4.10 -21.42 19.68
N ALA C 56 3.24 -22.41 19.44
CA ALA C 56 3.45 -23.31 18.31
C ALA C 56 3.26 -22.64 16.96
N PHE C 57 2.64 -21.45 16.92
CA PHE C 57 2.51 -20.72 15.67
C PHE C 57 3.80 -20.01 15.26
N ARG C 58 4.72 -19.82 16.18
CA ARG C 58 5.98 -19.18 15.86
C ARG C 58 7.19 -20.10 16.02
N SER C 59 6.99 -21.38 16.35
CA SER C 59 8.09 -22.30 16.61
C SER C 59 7.75 -23.65 15.98
N LYS C 60 8.57 -24.08 15.00
CA LYS C 60 8.27 -25.33 14.30
C LYS C 60 8.29 -26.51 15.24
N LEU C 61 9.15 -26.48 16.25
CA LEU C 61 9.30 -27.63 17.13
C LEU C 61 8.09 -27.78 18.04
N ALA C 62 7.62 -26.66 18.63
CA ALA C 62 6.37 -26.72 19.38
C ALA C 62 5.23 -27.21 18.49
N GLY C 63 5.18 -26.71 17.25
CA GLY C 63 4.10 -27.10 16.37
C GLY C 63 4.10 -28.59 16.09
N ALA C 64 5.30 -29.16 15.94
CA ALA C 64 5.42 -30.58 15.63
C ALA C 64 4.95 -31.43 16.80
N ILE C 65 5.29 -31.02 18.02
CA ILE C 65 4.78 -31.69 19.20
C ILE C 65 3.26 -31.70 19.20
N LEU C 66 2.64 -30.55 18.93
CA LEU C 66 1.19 -30.48 18.88
C LEU C 66 0.62 -31.35 17.75
N LYS C 67 1.36 -31.50 16.67
CA LYS C 67 0.86 -32.31 15.56
C LYS C 67 1.31 -33.76 15.64
N GLY C 68 1.74 -34.20 16.82
CA GLY C 68 1.87 -35.61 17.12
C GLY C 68 3.24 -36.21 17.12
N LEU C 69 4.28 -35.45 17.44
CA LEU C 69 5.63 -35.99 17.42
C LEU C 69 5.80 -37.02 18.53
N LYS C 70 6.13 -38.25 18.15
CA LYS C 70 6.09 -39.35 19.11
C LYS C 70 7.29 -39.36 20.06
N THR C 71 8.48 -39.05 19.56
CA THR C 71 9.68 -39.00 20.39
C THR C 71 10.46 -37.73 20.11
N ASN C 72 11.14 -37.22 21.13
CA ASN C 72 11.89 -35.97 21.02
C ASN C 72 13.35 -36.15 21.43
N PRO C 73 14.29 -36.08 20.47
CA PRO C 73 15.71 -36.25 20.81
C PRO C 73 16.31 -35.08 21.58
N ILE C 74 15.67 -33.92 21.60
CA ILE C 74 16.15 -32.79 22.38
C ILE C 74 15.64 -32.97 23.80
N ARG C 75 16.53 -33.37 24.71
CA ARG C 75 16.23 -33.54 26.12
C ARG C 75 17.31 -32.83 26.89
N LYS C 76 17.36 -33.02 28.20
CA LYS C 76 18.38 -32.33 28.97
C LYS C 76 19.74 -32.96 28.70
N GLY C 77 20.76 -32.10 28.75
CA GLY C 77 22.12 -32.46 28.36
C GLY C 77 22.37 -32.63 26.88
N THR C 78 21.34 -32.64 26.04
CA THR C 78 21.55 -32.84 24.61
C THR C 78 22.46 -31.78 24.01
N LYS C 79 23.34 -32.22 23.11
CA LYS C 79 24.16 -31.35 22.26
C LYS C 79 23.51 -31.25 20.88
N VAL C 80 23.26 -30.02 20.43
CA VAL C 80 22.48 -29.78 19.22
C VAL C 80 23.21 -28.76 18.34
N LEU C 81 23.28 -29.08 17.05
CA LEU C 81 23.68 -28.12 16.02
C LEU C 81 22.40 -27.60 15.40
N TYR C 82 22.19 -26.28 15.50
CA TYR C 82 20.98 -25.63 15.06
C TYR C 82 21.34 -24.79 13.84
N LEU C 83 20.88 -25.23 12.68
CA LEU C 83 21.10 -24.51 11.43
C LEU C 83 19.84 -23.69 11.16
N GLY C 84 20.02 -22.38 10.97
CA GLY C 84 18.91 -21.45 10.80
C GLY C 84 18.38 -20.87 12.10
N ALA C 85 19.28 -20.42 12.98
CA ALA C 85 18.84 -20.05 14.33
C ALA C 85 18.05 -18.76 14.33
N ALA C 86 18.18 -17.94 13.29
CA ALA C 86 17.33 -16.76 13.08
C ALA C 86 17.51 -15.81 14.28
N SER C 87 16.44 -15.28 14.84
CA SER C 87 16.56 -14.28 15.89
C SER C 87 16.45 -14.90 17.28
N GLY C 88 16.10 -16.18 17.37
CA GLY C 88 16.23 -16.86 18.65
C GLY C 88 14.97 -17.40 19.27
N THR C 89 13.85 -17.34 18.54
CA THR C 89 12.60 -17.87 19.05
C THR C 89 12.73 -19.32 19.49
N THR C 90 12.86 -20.23 18.52
CA THR C 90 12.85 -21.65 18.85
C THR C 90 14.10 -22.05 19.64
N ILE C 91 15.28 -21.55 19.25
CA ILE C 91 16.49 -22.00 19.95
C ILE C 91 16.46 -21.59 21.42
N SER C 92 15.74 -20.50 21.78
CA SER C 92 15.69 -20.14 23.20
C SER C 92 14.97 -21.21 24.01
N HIS C 93 13.99 -21.88 23.43
CA HIS C 93 13.32 -22.98 24.10
C HIS C 93 14.19 -24.23 24.14
N VAL C 94 14.87 -24.52 23.02
CA VAL C 94 15.86 -25.60 22.99
C VAL C 94 16.85 -25.39 24.13
N SER C 95 17.31 -24.16 24.29
CA SER C 95 18.15 -23.81 25.42
C SER C 95 17.51 -24.16 26.77
N ASP C 96 16.21 -23.87 26.94
CA ASP C 96 15.58 -24.20 28.22
C ASP C 96 15.55 -25.71 28.45
N ILE C 97 15.22 -26.47 27.40
CA ILE C 97 15.05 -27.92 27.51
C ILE C 97 16.38 -28.62 27.82
N ILE C 98 17.48 -28.22 27.17
CA ILE C 98 18.72 -28.96 27.35
C ILE C 98 19.48 -28.48 28.59
N GLU C 99 19.13 -27.30 29.12
CA GLU C 99 19.68 -26.75 30.36
C GLU C 99 21.19 -26.56 30.27
N LEU C 100 21.81 -26.16 31.40
CA LEU C 100 23.18 -25.64 31.35
C LEU C 100 24.20 -26.67 30.88
N ASN C 101 23.94 -27.95 31.09
CA ASN C 101 24.90 -28.97 30.66
C ASN C 101 24.73 -29.35 29.20
N GLY C 102 23.59 -29.03 28.59
CA GLY C 102 23.43 -29.16 27.16
C GLY C 102 24.08 -28.01 26.44
N LYS C 103 24.26 -28.16 25.13
CA LYS C 103 24.86 -27.12 24.30
C LYS C 103 24.09 -27.02 23.00
N ALA C 104 23.81 -25.77 22.60
CA ALA C 104 23.10 -25.47 21.37
C ALA C 104 23.95 -24.53 20.53
N TYR C 105 24.47 -25.03 19.41
CA TYR C 105 25.29 -24.23 18.51
C TYR C 105 24.37 -23.67 17.44
N GLY C 106 24.26 -22.35 17.39
CA GLY C 106 23.31 -21.71 16.51
C GLY C 106 23.96 -21.07 15.30
N VAL C 107 23.70 -21.62 14.12
CA VAL C 107 24.26 -21.16 12.87
C VAL C 107 23.21 -20.32 12.15
N GLU C 108 23.57 -19.11 11.72
CA GLU C 108 22.66 -18.21 11.01
C GLU C 108 23.50 -17.25 10.17
N PHE C 109 23.13 -17.05 8.90
CA PHE C 109 24.04 -16.30 8.01
C PHE C 109 23.58 -14.91 7.67
N SER C 110 22.42 -14.47 8.15
CA SER C 110 21.92 -13.13 7.87
C SER C 110 22.33 -12.20 8.99
N PRO C 111 23.27 -11.27 8.77
CA PRO C 111 23.71 -10.40 9.87
C PRO C 111 22.58 -9.59 10.46
N ARG C 112 21.59 -9.23 9.66
CA ARG C 112 20.52 -8.39 10.15
C ARG C 112 19.80 -9.07 11.30
N VAL C 113 19.58 -10.36 11.18
CA VAL C 113 18.86 -11.10 12.20
C VAL C 113 19.77 -11.58 13.34
N VAL C 114 21.06 -11.76 13.07
CA VAL C 114 21.95 -12.23 14.14
C VAL C 114 22.16 -11.15 15.17
N ARG C 115 22.12 -9.89 14.74
CA ARG C 115 22.07 -8.76 15.65
C ARG C 115 21.12 -9.02 16.81
N GLU C 116 19.95 -9.61 16.52
CA GLU C 116 18.98 -9.94 17.56
C GLU C 116 19.36 -11.21 18.29
N LEU C 117 19.73 -12.28 17.55
CA LEU C 117 20.17 -13.53 18.16
C LEU C 117 21.24 -13.30 19.19
N LEU C 118 22.12 -12.33 18.93
CA LEU C 118 23.23 -12.07 19.83
C LEU C 118 22.72 -11.73 21.23
N LEU C 119 21.62 -10.96 21.32
CA LEU C 119 21.07 -10.60 22.63
C LEU C 119 20.55 -11.82 23.36
N VAL C 120 19.84 -12.70 22.66
CA VAL C 120 19.39 -13.95 23.28
C VAL C 120 20.59 -14.72 23.83
N ALA C 121 21.66 -14.81 23.04
CA ALA C 121 22.81 -15.62 23.44
C ALA C 121 23.57 -15.00 24.58
N GLN C 122 23.64 -13.66 24.64
CA GLN C 122 24.39 -13.01 25.69
C GLN C 122 23.92 -13.43 27.07
N ARG C 123 22.64 -13.75 27.22
CA ARG C 123 22.08 -14.15 28.50
C ARG C 123 22.04 -15.65 28.71
N ARG C 124 22.37 -16.44 27.69
CA ARG C 124 22.24 -17.88 27.78
C ARG C 124 23.56 -18.57 27.48
N PRO C 125 24.30 -19.01 28.52
CA PRO C 125 25.57 -19.72 28.28
C PRO C 125 25.37 -20.99 27.48
N ASN C 126 24.13 -21.45 27.44
CA ASN C 126 23.64 -22.56 26.63
C ASN C 126 23.92 -22.44 25.14
N ILE C 127 23.99 -21.22 24.63
CA ILE C 127 23.79 -20.95 23.20
C ILE C 127 25.03 -20.27 22.66
N PHE C 128 25.59 -20.85 21.61
CA PHE C 128 26.81 -20.36 20.98
C PHE C 128 26.42 -19.86 19.58
N PRO C 129 26.23 -18.55 19.40
CA PRO C 129 25.78 -18.03 18.10
C PRO C 129 26.93 -17.99 17.11
N LEU C 130 26.67 -18.47 15.89
CA LEU C 130 27.67 -18.53 14.82
C LEU C 130 27.10 -17.87 13.57
N LEU C 131 27.56 -16.67 13.28
CA LEU C 131 27.23 -15.96 12.04
C LEU C 131 28.04 -16.62 10.92
N ALA C 132 27.38 -17.49 10.18
CA ALA C 132 28.09 -18.40 9.31
C ALA C 132 27.08 -18.96 8.34
N ASP C 133 27.57 -19.33 7.16
CA ASP C 133 26.77 -19.95 6.11
C ASP C 133 26.76 -21.46 6.34
N ALA C 134 25.56 -22.04 6.43
CA ALA C 134 25.44 -23.48 6.64
C ALA C 134 26.03 -24.29 5.48
N ARG C 135 26.20 -23.68 4.30
CA ARG C 135 26.86 -24.37 3.20
C ARG C 135 28.35 -24.52 3.42
N PHE C 136 28.89 -23.89 4.47
CA PHE C 136 30.33 -23.78 4.68
C PHE C 136 30.72 -24.30 6.06
N PRO C 137 30.44 -25.57 6.37
CA PRO C 137 30.74 -26.06 7.73
C PRO C 137 32.19 -26.01 8.07
N GLN C 138 33.08 -25.86 7.07
CA GLN C 138 34.49 -25.66 7.36
C GLN C 138 34.76 -24.37 8.10
N SER C 139 33.80 -23.44 8.10
CA SER C 139 33.99 -22.23 8.89
C SER C 139 33.90 -22.61 10.37
N TYR C 140 32.71 -23.04 10.82
CA TYR C 140 32.48 -23.21 12.25
C TYR C 140 32.98 -24.52 12.83
N LYS C 141 33.56 -25.41 12.01
CA LYS C 141 34.20 -26.61 12.54
C LYS C 141 35.22 -26.27 13.62
N SER C 142 35.81 -25.07 13.58
CA SER C 142 36.82 -24.70 14.56
C SER C 142 36.23 -24.27 15.91
N VAL C 143 34.91 -24.17 16.03
CA VAL C 143 34.27 -23.76 17.26
C VAL C 143 33.43 -24.87 17.85
N VAL C 144 32.70 -25.60 17.00
CA VAL C 144 31.70 -26.53 17.49
C VAL C 144 32.36 -27.82 17.95
N GLU C 145 31.54 -28.84 18.17
CA GLU C 145 31.95 -30.18 18.54
C GLU C 145 30.93 -31.10 17.88
N ASN C 146 31.07 -32.40 18.05
CA ASN C 146 30.00 -33.21 17.51
C ASN C 146 28.79 -33.24 18.45
N VAL C 147 27.63 -33.60 17.90
CA VAL C 147 26.37 -33.34 18.57
C VAL C 147 25.45 -34.54 18.44
N ASP C 148 24.48 -34.61 19.36
CA ASP C 148 23.49 -35.67 19.33
C ASP C 148 22.33 -35.36 18.40
N VAL C 149 22.07 -34.08 18.14
CA VAL C 149 20.92 -33.67 17.36
C VAL C 149 21.35 -32.57 16.38
N LEU C 150 20.99 -32.73 15.11
CA LEU C 150 21.14 -31.70 14.10
C LEU C 150 19.75 -31.18 13.76
N TYR C 151 19.49 -29.93 14.13
CA TYR C 151 18.20 -29.30 13.91
C TYR C 151 18.36 -28.29 12.78
N VAL C 152 17.58 -28.47 11.71
CA VAL C 152 17.76 -27.74 10.47
C VAL C 152 16.45 -27.07 10.05
N ASP C 153 16.50 -25.76 9.88
CA ASP C 153 15.37 -24.97 9.47
C ASP C 153 15.93 -23.79 8.65
N ILE C 154 16.38 -24.08 7.43
CA ILE C 154 16.93 -23.05 6.56
C ILE C 154 16.12 -23.01 5.28
N ALA C 155 15.82 -21.79 4.83
CA ALA C 155 15.16 -21.58 3.56
C ALA C 155 16.23 -21.56 2.47
N GLN C 156 16.39 -22.71 1.79
CA GLN C 156 17.36 -22.93 0.75
C GLN C 156 16.77 -23.99 -0.16
N PRO C 157 16.92 -23.87 -1.48
CA PRO C 157 16.41 -24.94 -2.35
C PRO C 157 17.02 -26.28 -2.03
N ASP C 158 18.29 -26.32 -1.64
CA ASP C 158 18.97 -27.58 -1.33
C ASP C 158 19.17 -27.77 0.17
N GLN C 159 18.21 -27.28 0.99
CA GLN C 159 18.29 -27.42 2.44
C GLN C 159 18.56 -28.86 2.88
N THR C 160 18.05 -29.84 2.15
CA THR C 160 18.24 -31.22 2.56
C THR C 160 19.69 -31.65 2.36
N ASP C 161 20.28 -31.28 1.23
CA ASP C 161 21.69 -31.57 1.01
C ASP C 161 22.58 -30.80 1.96
N ILE C 162 22.17 -29.60 2.36
CA ILE C 162 22.95 -28.88 3.35
C ILE C 162 22.86 -29.58 4.70
N ALA C 163 21.68 -30.09 5.04
CA ALA C 163 21.53 -30.85 6.29
C ALA C 163 22.39 -32.11 6.26
N ILE C 164 22.33 -32.85 5.16
CA ILE C 164 23.11 -34.08 5.06
C ILE C 164 24.60 -33.77 5.16
N TYR C 165 25.06 -32.72 4.49
CA TYR C 165 26.48 -32.36 4.49
C TYR C 165 26.95 -31.92 5.88
N ASN C 166 26.13 -31.14 6.61
CA ASN C 166 26.49 -30.81 7.99
C ASN C 166 26.49 -32.04 8.88
N ALA C 167 25.59 -32.99 8.62
CA ALA C 167 25.55 -34.22 9.40
C ALA C 167 26.83 -35.03 9.28
N LYS C 168 27.41 -35.13 8.07
CA LYS C 168 28.64 -35.90 7.90
C LYS C 168 29.79 -35.30 8.69
N PHE C 169 29.76 -33.99 8.90
CA PHE C 169 30.77 -33.32 9.72
C PHE C 169 30.55 -33.56 11.21
N PHE C 170 29.31 -33.41 11.69
CA PHE C 170 29.10 -33.08 13.09
C PHE C 170 28.14 -34.00 13.83
N LEU C 171 27.30 -34.76 13.15
CA LEU C 171 26.28 -35.53 13.82
C LEU C 171 26.84 -36.91 14.16
N LYS C 172 26.76 -37.29 15.43
CA LYS C 172 27.21 -38.60 15.87
C LYS C 172 26.45 -39.69 15.15
N VAL C 173 27.14 -40.80 14.85
CA VAL C 173 26.43 -41.99 14.41
C VAL C 173 25.35 -42.34 15.43
N ASN C 174 24.17 -42.70 14.93
CA ASN C 174 22.97 -42.94 15.73
C ASN C 174 22.43 -41.68 16.42
N GLY C 175 22.94 -40.50 16.09
CA GLY C 175 22.29 -39.26 16.47
C GLY C 175 21.12 -38.97 15.54
N ASP C 176 20.38 -37.90 15.84
CA ASP C 176 19.11 -37.60 15.20
C ASP C 176 19.15 -36.26 14.44
N MET C 177 18.41 -36.21 13.34
CA MET C 177 18.23 -34.99 12.58
C MET C 177 16.75 -34.60 12.56
N LEU C 178 16.46 -33.37 12.98
CA LEU C 178 15.14 -32.76 12.82
C LEU C 178 15.21 -31.77 11.66
N LEU C 179 14.61 -32.14 10.53
CA LEU C 179 14.72 -31.37 9.29
C LEU C 179 13.36 -30.83 8.89
N VAL C 180 13.19 -29.50 9.04
CA VAL C 180 12.00 -28.83 8.53
C VAL C 180 12.07 -28.74 7.01
N ILE C 181 11.00 -29.14 6.34
CA ILE C 181 10.96 -29.13 4.89
C ILE C 181 10.08 -27.96 4.46
N LYS C 182 10.69 -26.92 3.89
CA LYS C 182 9.97 -25.70 3.52
C LYS C 182 9.63 -25.76 2.04
N ALA C 183 8.43 -26.26 1.75
CA ALA C 183 8.07 -26.57 0.37
C ALA C 183 8.15 -25.35 -0.54
N ARG C 184 7.70 -24.19 -0.08
CA ARG C 184 7.67 -23.03 -0.97
C ARG C 184 9.05 -22.42 -1.19
N SER C 185 10.00 -22.68 -0.29
CA SER C 185 11.38 -22.25 -0.51
C SER C 185 12.18 -23.27 -1.29
N ILE C 186 11.65 -24.47 -1.47
CA ILE C 186 12.27 -25.43 -2.38
C ILE C 186 11.75 -25.28 -3.80
N ASP C 187 10.43 -25.24 -3.99
CA ASP C 187 9.88 -25.04 -5.34
C ASP C 187 8.41 -24.65 -5.23
N VAL C 188 8.09 -23.38 -5.45
CA VAL C 188 6.72 -22.90 -5.31
C VAL C 188 5.78 -23.52 -6.35
N THR C 189 6.30 -23.99 -7.48
CA THR C 189 5.46 -24.52 -8.54
C THR C 189 4.92 -25.91 -8.23
N LYS C 190 5.51 -26.62 -7.28
CA LYS C 190 5.20 -28.03 -7.03
C LYS C 190 4.24 -28.19 -5.86
N ASP C 191 3.62 -29.34 -5.80
CA ASP C 191 2.80 -29.69 -4.66
C ASP C 191 3.68 -30.02 -3.46
N PRO C 192 3.39 -29.46 -2.28
CA PRO C 192 4.21 -29.78 -1.10
C PRO C 192 4.31 -31.27 -0.80
N LYS C 193 3.23 -32.02 -0.97
CA LYS C 193 3.30 -33.46 -0.68
C LYS C 193 4.35 -34.15 -1.54
N GLU C 194 4.51 -33.72 -2.79
CA GLU C 194 5.57 -34.27 -3.63
C GLU C 194 6.94 -33.86 -3.14
N ILE C 195 7.09 -32.59 -2.76
CA ILE C 195 8.35 -32.12 -2.18
C ILE C 195 8.76 -32.99 -1.01
N TYR C 196 7.80 -33.34 -0.14
CA TYR C 196 8.15 -34.08 1.08
C TYR C 196 8.66 -35.48 0.74
N LYS C 197 7.99 -36.18 -0.17
CA LYS C 197 8.45 -37.50 -0.56
C LYS C 197 9.82 -37.43 -1.23
N THR C 198 10.04 -36.42 -2.08
CA THR C 198 11.35 -36.27 -2.72
C THR C 198 12.44 -36.02 -1.69
N GLU C 199 12.18 -35.15 -0.70
CA GLU C 199 13.19 -34.83 0.30
C GLU C 199 13.45 -36.01 1.24
N VAL C 200 12.39 -36.65 1.72
CA VAL C 200 12.56 -37.84 2.55
C VAL C 200 13.31 -38.92 1.79
N GLU C 201 13.05 -39.05 0.49
CA GLU C 201 13.75 -40.03 -0.33
C GLU C 201 15.25 -39.74 -0.39
N LYS C 202 15.60 -38.46 -0.46
CA LYS C 202 17.01 -38.07 -0.47
C LYS C 202 17.69 -38.42 0.86
N LEU C 203 16.96 -38.26 1.97
CA LEU C 203 17.54 -38.61 3.27
C LEU C 203 17.74 -40.11 3.38
N GLU C 204 16.73 -40.89 3.01
CA GLU C 204 16.88 -42.33 3.06
C GLU C 204 17.98 -42.82 2.13
N ASN C 205 18.24 -42.09 1.04
CA ASN C 205 19.33 -42.44 0.16
C ASN C 205 20.69 -42.07 0.72
N SER C 206 20.75 -41.31 1.81
CA SER C 206 22.03 -40.93 2.40
C SER C 206 22.20 -41.60 3.77
N ASN C 207 21.54 -42.74 3.96
CA ASN C 207 21.69 -43.57 5.15
C ASN C 207 21.12 -42.89 6.39
N PHE C 208 20.03 -42.15 6.19
CA PHE C 208 19.18 -41.65 7.27
C PHE C 208 17.92 -42.49 7.33
N GLU C 209 17.63 -43.02 8.52
CA GLU C 209 16.48 -43.89 8.73
C GLU C 209 15.30 -43.03 9.20
N THR C 210 14.18 -43.09 8.46
CA THR C 210 13.05 -42.21 8.70
C THR C 210 12.26 -42.69 9.90
N ILE C 211 12.15 -41.86 10.93
CA ILE C 211 11.46 -42.22 12.15
C ILE C 211 10.02 -41.70 12.15
N GLN C 212 9.77 -40.48 11.65
CA GLN C 212 8.43 -39.89 11.66
C GLN C 212 8.40 -38.67 10.72
N ILE C 213 7.29 -38.51 10.00
CA ILE C 213 7.07 -37.37 9.10
C ILE C 213 5.77 -36.68 9.50
N ILE C 214 5.88 -35.44 9.97
CA ILE C 214 4.74 -34.70 10.54
C ILE C 214 4.45 -33.48 9.68
N ASN C 215 3.22 -33.39 9.19
CA ASN C 215 2.79 -32.20 8.45
C ASN C 215 2.44 -31.11 9.45
N LEU C 216 2.95 -29.90 9.21
CA LEU C 216 2.91 -28.89 10.27
C LEU C 216 1.70 -27.97 10.17
N ASP C 217 0.81 -28.16 9.20
CA ASP C 217 -0.42 -27.39 9.10
C ASP C 217 -1.25 -27.55 10.37
N PRO C 218 -1.82 -26.45 10.90
CA PRO C 218 -1.86 -25.06 10.43
C PRO C 218 -0.85 -24.13 11.09
N TYR C 219 -0.01 -24.65 12.00
CA TYR C 219 0.97 -23.79 12.66
C TYR C 219 1.96 -23.21 11.66
N ASP C 220 2.19 -23.92 10.56
CA ASP C 220 2.98 -23.44 9.42
C ASP C 220 2.40 -24.09 8.17
N LYS C 221 2.12 -23.28 7.14
CA LYS C 221 1.59 -23.84 5.92
C LYS C 221 2.70 -24.17 4.92
N ASP C 222 2.47 -25.23 4.13
CA ASP C 222 3.43 -25.78 3.17
C ASP C 222 4.75 -26.16 3.84
N HIS C 223 4.64 -26.84 4.98
CA HIS C 223 5.77 -27.22 5.81
C HIS C 223 5.56 -28.64 6.31
N ALA C 224 6.63 -29.43 6.26
CA ALA C 224 6.68 -30.70 6.95
C ALA C 224 7.90 -30.69 7.84
N ILE C 225 7.98 -31.67 8.74
CA ILE C 225 9.17 -31.88 9.54
C ILE C 225 9.40 -33.38 9.68
N VAL C 226 10.62 -33.83 9.46
CA VAL C 226 10.93 -35.24 9.44
C VAL C 226 12.00 -35.50 10.49
N LEU C 227 11.74 -36.48 11.36
CA LEU C 227 12.70 -36.96 12.33
C LEU C 227 13.37 -38.21 11.76
N SER C 228 14.69 -38.18 11.64
CA SER C 228 15.44 -39.29 11.07
C SER C 228 16.62 -39.65 11.95
N LYS C 229 17.01 -40.92 11.86
CA LYS C 229 18.13 -41.46 12.59
C LYS C 229 19.30 -41.60 11.64
N TYR C 230 20.45 -41.08 12.03
CA TYR C 230 21.65 -41.08 11.18
C TYR C 230 22.41 -42.38 11.39
N LYS C 231 22.58 -43.17 10.31
CA LYS C 231 23.25 -44.46 10.42
C LYS C 231 24.72 -44.42 10.09
N GLY C 232 25.21 -43.32 9.51
CA GLY C 232 26.65 -43.14 9.32
C GLY C 232 27.17 -43.59 7.96
N GLU D 3 -0.09 6.69 -38.00
CA GLU D 3 -0.47 7.72 -38.97
C GLU D 3 -1.76 7.34 -39.71
N VAL D 4 -2.51 8.36 -40.13
CA VAL D 4 -3.90 8.18 -40.55
C VAL D 4 -3.94 7.79 -42.00
N ILE D 5 -4.46 6.59 -42.29
CA ILE D 5 -4.73 6.23 -43.67
C ILE D 5 -5.98 6.95 -44.15
N THR D 6 -7.10 6.72 -43.46
CA THR D 6 -8.38 7.20 -43.95
C THR D 6 -9.40 7.18 -42.80
N VAL D 7 -10.36 8.10 -42.89
CA VAL D 7 -11.54 8.12 -42.04
C VAL D 7 -12.76 8.09 -42.94
N LYS D 8 -13.66 7.15 -42.69
CA LYS D 8 -14.92 7.07 -43.40
C LYS D 8 -16.05 6.88 -42.41
N GLN D 9 -17.26 7.28 -42.80
CA GLN D 9 -18.41 7.14 -41.92
C GLN D 9 -18.79 5.66 -41.82
N THR D 10 -19.08 5.24 -40.60
CA THR D 10 -19.59 3.89 -40.37
C THR D 10 -21.06 3.87 -40.75
N ASN D 11 -21.73 2.79 -40.39
CA ASN D 11 -23.14 2.60 -40.63
C ASN D 11 -24.03 3.52 -39.78
N MET D 12 -23.50 4.20 -38.78
CA MET D 12 -24.29 5.04 -37.90
C MET D 12 -23.98 6.50 -38.17
N GLU D 13 -25.02 7.31 -38.27
CA GLU D 13 -24.83 8.72 -38.62
C GLU D 13 -23.86 9.40 -37.66
N ASN D 14 -22.93 10.15 -38.22
CA ASN D 14 -21.93 10.95 -37.51
C ASN D 14 -21.02 10.13 -36.61
N ILE D 15 -20.94 8.83 -36.81
CA ILE D 15 -19.93 8.00 -36.15
C ILE D 15 -19.00 7.47 -37.23
N TYR D 16 -17.70 7.71 -37.05
CA TYR D 16 -16.71 7.47 -38.08
C TYR D 16 -15.73 6.41 -37.62
N GLU D 17 -15.00 5.87 -38.60
CA GLU D 17 -13.96 4.87 -38.32
C GLU D 17 -12.70 5.28 -39.06
N CYS D 18 -11.59 5.26 -38.34
CA CYS D 18 -10.30 5.70 -38.85
C CYS D 18 -9.38 4.50 -38.98
N GLU D 19 -8.82 4.30 -40.18
CA GLU D 19 -7.79 3.28 -40.40
C GLU D 19 -6.41 3.92 -40.29
N PHE D 20 -5.52 3.26 -39.54
CA PHE D 20 -4.15 3.70 -39.38
C PHE D 20 -3.19 2.74 -40.07
N ASN D 21 -2.04 3.28 -40.51
CA ASN D 21 -1.13 2.51 -41.36
C ASN D 21 -0.52 1.31 -40.65
N ASP D 22 -0.53 1.28 -39.32
CA ASP D 22 -0.12 0.10 -38.59
C ASP D 22 -1.22 -0.96 -38.53
N GLY D 23 -2.29 -0.80 -39.30
CA GLY D 23 -3.38 -1.76 -39.32
C GLY D 23 -4.53 -1.47 -38.38
N SER D 24 -4.33 -0.62 -37.36
CA SER D 24 -5.37 -0.36 -36.37
C SER D 24 -6.63 0.23 -36.98
N PHE D 25 -7.76 -0.03 -36.32
CA PHE D 25 -9.02 0.67 -36.56
C PHE D 25 -9.55 1.22 -35.25
N ARG D 26 -10.04 2.47 -35.28
CA ARG D 26 -10.60 3.06 -34.07
C ARG D 26 -11.82 3.90 -34.42
N LEU D 27 -12.83 3.81 -33.56
CA LEU D 27 -14.02 4.64 -33.69
C LEU D 27 -13.66 6.09 -33.41
N CYS D 28 -14.39 6.99 -34.06
CA CYS D 28 -14.15 8.40 -33.81
C CYS D 28 -15.40 9.17 -34.18
N THR D 29 -15.47 10.39 -33.67
CA THR D 29 -16.54 11.35 -33.96
C THR D 29 -15.90 12.64 -34.47
N ARG D 30 -16.65 13.38 -35.28
CA ARG D 30 -16.24 14.70 -35.74
C ARG D 30 -16.23 15.70 -34.58
N ASN D 31 -15.10 16.37 -34.36
CA ASN D 31 -14.95 17.23 -33.19
C ASN D 31 -15.77 18.50 -33.33
N LEU D 32 -16.71 18.69 -32.39
CA LEU D 32 -17.49 19.93 -32.35
C LEU D 32 -16.63 21.14 -32.00
N VAL D 33 -15.55 20.93 -31.26
CA VAL D 33 -14.68 22.01 -30.79
C VAL D 33 -13.27 21.74 -31.30
N PRO D 34 -12.95 22.07 -32.55
CA PRO D 34 -11.65 21.69 -33.11
C PRO D 34 -10.49 22.21 -32.30
N ASN D 35 -9.45 21.39 -32.20
CA ASN D 35 -8.17 21.57 -31.51
C ASN D 35 -8.26 21.25 -30.02
N PHE D 36 -9.45 20.97 -29.47
CA PHE D 36 -9.59 20.71 -28.04
C PHE D 36 -9.91 19.23 -27.82
N ASN D 37 -9.14 18.59 -26.96
CA ASN D 37 -9.47 17.25 -26.49
C ASN D 37 -10.13 17.33 -25.12
N VAL D 38 -10.83 16.26 -24.75
CA VAL D 38 -11.58 16.21 -23.50
C VAL D 38 -10.84 15.40 -22.45
N TYR D 39 -10.37 14.20 -22.81
CA TYR D 39 -9.73 13.30 -21.85
C TYR D 39 -8.40 12.75 -22.39
N GLY D 40 -7.66 13.55 -23.14
CA GLY D 40 -6.40 13.09 -23.70
C GLY D 40 -6.51 12.20 -24.92
N GLU D 41 -7.68 12.12 -25.55
CA GLU D 41 -7.81 11.31 -26.75
C GLU D 41 -7.14 11.98 -27.93
N ARG D 42 -6.82 11.18 -28.93
CA ARG D 42 -6.10 11.66 -30.09
C ARG D 42 -7.03 12.41 -31.04
N LEU D 43 -6.55 13.55 -31.53
CA LEU D 43 -7.25 14.30 -32.57
C LEU D 43 -6.71 13.90 -33.94
N ILE D 44 -7.62 13.54 -34.84
CA ILE D 44 -7.27 12.98 -36.14
C ILE D 44 -7.73 13.95 -37.23
N LYS D 45 -6.79 14.33 -38.10
CA LYS D 45 -7.11 15.23 -39.21
C LYS D 45 -7.15 14.43 -40.50
N TYR D 46 -8.21 14.63 -41.28
CA TYR D 46 -8.36 13.91 -42.55
C TYR D 46 -9.24 14.75 -43.45
N GLU D 47 -8.68 15.12 -44.60
CA GLU D 47 -9.36 15.86 -45.67
C GLU D 47 -10.07 17.11 -45.14
N GLY D 48 -9.32 17.92 -44.40
CA GLY D 48 -9.85 19.12 -43.81
C GLY D 48 -10.46 18.97 -42.42
N VAL D 49 -11.06 17.82 -42.11
CA VAL D 49 -11.91 17.65 -40.93
C VAL D 49 -11.15 17.03 -39.78
N GLU D 50 -11.46 17.47 -38.56
CA GLU D 50 -10.84 16.92 -37.37
C GLU D 50 -11.79 15.97 -36.64
N TYR D 51 -11.26 14.82 -36.25
CA TYR D 51 -12.02 13.81 -35.55
C TYR D 51 -11.37 13.51 -34.20
N ARG D 52 -12.19 13.01 -33.28
CA ARG D 52 -11.74 12.65 -31.93
C ARG D 52 -11.86 11.14 -31.81
N GLU D 53 -10.75 10.48 -31.51
CA GLU D 53 -10.84 9.04 -31.34
C GLU D 53 -11.59 8.75 -30.04
N TRP D 54 -12.40 7.70 -30.09
CA TRP D 54 -13.45 7.41 -29.12
C TRP D 54 -13.08 6.09 -28.43
N ASN D 55 -12.42 6.17 -27.28
CA ASN D 55 -11.93 4.99 -26.58
C ASN D 55 -13.09 4.17 -26.01
N ALA D 56 -13.28 2.94 -26.53
CA ALA D 56 -14.37 2.10 -26.01
C ALA D 56 -14.08 1.49 -24.66
N PHE D 57 -12.83 1.51 -24.18
CA PHE D 57 -12.60 1.04 -22.83
C PHE D 57 -12.95 2.07 -21.78
N ARG D 58 -13.25 3.29 -22.19
CA ARG D 58 -13.66 4.35 -21.29
C ARG D 58 -15.08 4.83 -21.53
N SER D 59 -15.73 4.41 -22.59
CA SER D 59 -17.04 4.93 -22.97
C SER D 59 -17.96 3.76 -23.25
N LYS D 60 -19.04 3.63 -22.46
CA LYS D 60 -19.92 2.49 -22.62
C LYS D 60 -20.63 2.52 -23.96
N LEU D 61 -20.92 3.71 -24.49
CA LEU D 61 -21.59 3.77 -25.78
C LEU D 61 -20.68 3.27 -26.91
N ALA D 62 -19.41 3.66 -26.89
CA ALA D 62 -18.47 3.11 -27.86
C ALA D 62 -18.33 1.61 -27.71
N GLY D 63 -18.25 1.13 -26.46
CA GLY D 63 -18.21 -0.30 -26.23
C GLY D 63 -19.42 -0.99 -26.81
N ALA D 64 -20.61 -0.44 -26.56
CA ALA D 64 -21.83 -1.05 -27.08
C ALA D 64 -21.79 -1.17 -28.60
N ILE D 65 -21.19 -0.20 -29.28
CA ILE D 65 -21.15 -0.26 -30.74
C ILE D 65 -20.21 -1.37 -31.21
N LEU D 66 -19.03 -1.48 -30.60
CA LEU D 66 -18.10 -2.52 -30.95
C LEU D 66 -18.57 -3.92 -30.53
N LYS D 67 -19.57 -4.05 -29.67
CA LYS D 67 -20.13 -5.35 -29.35
C LYS D 67 -21.39 -5.65 -30.13
N GLY D 68 -21.72 -4.85 -31.13
CA GLY D 68 -22.82 -5.18 -32.00
C GLY D 68 -24.11 -4.41 -31.82
N LEU D 69 -24.05 -3.21 -31.25
CA LEU D 69 -25.24 -2.36 -31.22
C LEU D 69 -25.77 -2.20 -32.64
N LYS D 70 -27.00 -2.66 -32.87
CA LYS D 70 -27.50 -2.70 -34.24
C LYS D 70 -27.92 -1.32 -34.70
N THR D 71 -28.84 -0.70 -33.96
CA THR D 71 -29.36 0.62 -34.28
C THR D 71 -29.02 1.58 -33.13
N ASN D 72 -28.70 2.82 -33.48
CA ASN D 72 -28.28 3.83 -32.51
C ASN D 72 -29.25 4.99 -32.52
N PRO D 73 -30.06 5.19 -31.46
CA PRO D 73 -31.00 6.31 -31.48
C PRO D 73 -30.32 7.67 -31.36
N ILE D 74 -29.05 7.71 -30.98
CA ILE D 74 -28.32 8.96 -30.83
C ILE D 74 -27.73 9.31 -32.19
N ARG D 75 -28.33 10.29 -32.87
CA ARG D 75 -27.88 10.72 -34.19
C ARG D 75 -28.02 12.25 -34.26
N LYS D 76 -27.91 12.80 -35.47
CA LYS D 76 -27.83 14.24 -35.63
C LYS D 76 -29.14 14.90 -35.21
N GLY D 77 -29.04 15.94 -34.38
CA GLY D 77 -30.22 16.60 -33.86
C GLY D 77 -30.97 15.88 -32.76
N THR D 78 -30.50 14.72 -32.30
CA THR D 78 -31.16 14.05 -31.18
C THR D 78 -31.14 14.94 -29.94
N LYS D 79 -32.22 14.91 -29.17
CA LYS D 79 -32.23 15.52 -27.84
C LYS D 79 -32.08 14.42 -26.80
N VAL D 80 -31.08 14.55 -25.93
CA VAL D 80 -30.68 13.51 -25.00
C VAL D 80 -30.74 14.05 -23.58
N LEU D 81 -31.37 13.27 -22.69
CA LEU D 81 -31.22 13.43 -21.25
C LEU D 81 -30.20 12.39 -20.79
N TYR D 82 -29.07 12.87 -20.29
CA TYR D 82 -27.95 12.03 -19.90
C TYR D 82 -27.87 12.03 -18.37
N LEU D 83 -28.19 10.90 -17.76
CA LEU D 83 -28.11 10.75 -16.30
C LEU D 83 -26.78 10.09 -15.96
N GLY D 84 -25.99 10.75 -15.12
CA GLY D 84 -24.65 10.29 -14.80
C GLY D 84 -23.61 10.88 -15.73
N ALA D 85 -23.65 12.21 -15.97
CA ALA D 85 -22.76 12.80 -16.97
C ALA D 85 -21.29 12.70 -16.55
N ALA D 86 -21.01 12.62 -15.26
CA ALA D 86 -19.65 12.40 -14.74
C ALA D 86 -18.75 13.55 -15.22
N SER D 87 -17.55 13.26 -15.65
CA SER D 87 -16.59 14.29 -15.98
C SER D 87 -16.60 14.67 -17.46
N GLY D 88 -17.44 14.04 -18.26
CA GLY D 88 -17.65 14.46 -19.65
C GLY D 88 -17.22 13.48 -20.74
N THR D 89 -16.53 12.39 -20.41
CA THR D 89 -16.01 11.47 -21.44
C THR D 89 -17.05 11.08 -22.48
N THR D 90 -18.08 10.32 -22.10
CA THR D 90 -19.03 9.88 -23.12
C THR D 90 -19.93 11.01 -23.63
N ILE D 91 -20.32 11.96 -22.75
CA ILE D 91 -21.28 12.95 -23.22
C ILE D 91 -20.62 13.90 -24.22
N SER D 92 -19.29 14.06 -24.14
CA SER D 92 -18.59 14.85 -25.15
C SER D 92 -18.73 14.23 -26.55
N HIS D 93 -18.65 12.90 -26.67
CA HIS D 93 -18.85 12.28 -27.98
C HIS D 93 -20.31 12.37 -28.40
N VAL D 94 -21.23 12.21 -27.45
CA VAL D 94 -22.65 12.42 -27.71
C VAL D 94 -22.87 13.82 -28.28
N SER D 95 -22.20 14.82 -27.69
CA SER D 95 -22.29 16.18 -28.18
C SER D 95 -21.79 16.30 -29.64
N ASP D 96 -20.68 15.61 -29.96
CA ASP D 96 -20.19 15.55 -31.35
C ASP D 96 -21.24 14.98 -32.29
N ILE D 97 -21.78 13.82 -31.95
CA ILE D 97 -22.72 13.13 -32.83
C ILE D 97 -23.96 13.98 -33.08
N ILE D 98 -24.55 14.53 -32.01
CA ILE D 98 -25.82 15.23 -32.15
C ILE D 98 -25.66 16.61 -32.80
N GLU D 99 -24.49 17.21 -32.70
CA GLU D 99 -24.18 18.49 -33.33
C GLU D 99 -24.98 19.63 -32.71
N LEU D 100 -24.85 20.83 -33.30
CA LEU D 100 -25.35 22.03 -32.63
C LEU D 100 -26.85 22.05 -32.51
N ASN D 101 -27.57 21.34 -33.39
CA ASN D 101 -29.02 21.36 -33.27
C ASN D 101 -29.57 20.22 -32.41
N GLY D 102 -28.75 19.27 -31.98
CA GLY D 102 -29.16 18.39 -30.91
C GLY D 102 -28.83 18.99 -29.55
N LYS D 103 -29.32 18.33 -28.49
CA LYS D 103 -29.16 18.83 -27.13
C LYS D 103 -28.85 17.68 -26.16
N ALA D 104 -27.85 17.89 -25.32
CA ALA D 104 -27.52 16.92 -24.27
C ALA D 104 -27.61 17.60 -22.91
N TYR D 105 -28.70 17.28 -22.20
CA TYR D 105 -28.88 17.68 -20.83
C TYR D 105 -28.13 16.69 -19.95
N GLY D 106 -27.08 17.14 -19.26
CA GLY D 106 -26.26 16.27 -18.43
C GLY D 106 -26.45 16.38 -16.91
N VAL D 107 -27.01 15.33 -16.30
CA VAL D 107 -27.32 15.27 -14.87
C VAL D 107 -26.20 14.52 -14.16
N GLU D 108 -25.67 15.11 -13.08
CA GLU D 108 -24.62 14.49 -12.28
C GLU D 108 -24.62 15.13 -10.89
N PHE D 109 -24.65 14.30 -9.83
CA PHE D 109 -24.87 14.85 -8.49
C PHE D 109 -23.60 14.98 -7.66
N SER D 110 -22.44 14.58 -8.17
CA SER D 110 -21.20 14.68 -7.42
C SER D 110 -20.49 16.01 -7.72
N PRO D 111 -20.42 16.95 -6.79
CA PRO D 111 -19.81 18.26 -7.12
C PRO D 111 -18.35 18.12 -7.51
N ARG D 112 -17.67 17.16 -6.92
CA ARG D 112 -16.26 16.98 -7.21
C ARG D 112 -16.04 16.66 -8.68
N VAL D 113 -16.96 15.94 -9.31
CA VAL D 113 -16.74 15.62 -10.70
C VAL D 113 -17.40 16.63 -11.66
N VAL D 114 -18.49 17.28 -11.24
CA VAL D 114 -19.08 18.34 -12.04
C VAL D 114 -18.10 19.50 -12.23
N ARG D 115 -17.17 19.68 -11.30
CA ARG D 115 -16.12 20.66 -11.49
C ARG D 115 -15.38 20.44 -12.81
N GLU D 116 -15.10 19.19 -13.16
CA GLU D 116 -14.50 18.87 -14.46
C GLU D 116 -15.52 18.95 -15.58
N LEU D 117 -16.74 18.42 -15.35
CA LEU D 117 -17.72 18.44 -16.43
C LEU D 117 -17.97 19.86 -16.92
N LEU D 118 -17.91 20.84 -16.02
CA LEU D 118 -18.15 22.23 -16.40
C LEU D 118 -17.13 22.71 -17.44
N LEU D 119 -15.87 22.24 -17.35
CA LEU D 119 -14.89 22.57 -18.39
C LEU D 119 -15.31 22.04 -19.76
N VAL D 120 -15.84 20.83 -19.81
CA VAL D 120 -16.31 20.31 -21.08
C VAL D 120 -17.52 21.11 -21.56
N ALA D 121 -18.45 21.40 -20.65
CA ALA D 121 -19.71 22.05 -21.06
C ALA D 121 -19.48 23.48 -21.52
N GLN D 122 -18.46 24.14 -20.96
CA GLN D 122 -18.24 25.54 -21.29
C GLN D 122 -17.98 25.74 -22.78
N ARG D 123 -17.28 24.78 -23.40
CA ARG D 123 -16.92 24.91 -24.81
C ARG D 123 -17.96 24.31 -25.76
N ARG D 124 -19.00 23.65 -25.25
CA ARG D 124 -19.95 22.93 -26.09
C ARG D 124 -21.36 23.45 -25.81
N PRO D 125 -21.89 24.34 -26.70
CA PRO D 125 -23.18 25.00 -26.45
C PRO D 125 -24.29 23.99 -26.50
N ASN D 126 -23.84 22.78 -26.84
CA ASN D 126 -24.56 21.53 -26.95
C ASN D 126 -24.91 20.91 -25.61
N ILE D 127 -24.08 21.14 -24.60
CA ILE D 127 -24.14 20.40 -23.34
C ILE D 127 -24.66 21.34 -22.25
N PHE D 128 -25.70 20.92 -21.56
CA PHE D 128 -26.27 21.67 -20.44
C PHE D 128 -26.02 20.89 -19.15
N PRO D 129 -25.00 21.22 -18.37
CA PRO D 129 -24.72 20.45 -17.15
C PRO D 129 -25.69 20.83 -16.04
N LEU D 130 -26.19 19.82 -15.35
CA LEU D 130 -27.14 20.02 -14.26
C LEU D 130 -26.60 19.30 -13.03
N LEU D 131 -26.06 20.05 -12.08
CA LEU D 131 -25.58 19.42 -10.86
C LEU D 131 -26.82 19.15 -10.01
N ALA D 132 -27.26 17.90 -10.04
CA ALA D 132 -28.57 17.52 -9.53
C ALA D 132 -28.59 16.01 -9.33
N ASP D 133 -29.54 15.56 -8.53
CA ASP D 133 -29.71 14.16 -8.14
C ASP D 133 -30.82 13.56 -9.00
N ALA D 134 -30.46 12.54 -9.79
CA ALA D 134 -31.40 11.97 -10.74
C ALA D 134 -32.62 11.35 -10.08
N ARG D 135 -32.55 11.09 -8.76
CA ARG D 135 -33.72 10.62 -8.01
C ARG D 135 -34.81 11.69 -7.91
N PHE D 136 -34.51 12.91 -8.30
CA PHE D 136 -35.40 14.04 -8.06
C PHE D 136 -35.48 14.89 -9.31
N PRO D 137 -36.14 14.36 -10.35
CA PRO D 137 -36.29 15.12 -11.59
C PRO D 137 -37.07 16.40 -11.41
N GLN D 138 -37.76 16.57 -10.28
CA GLN D 138 -38.39 17.84 -9.98
C GLN D 138 -37.37 18.96 -9.84
N SER D 139 -36.11 18.61 -9.53
CA SER D 139 -35.05 19.60 -9.37
C SER D 139 -34.41 20.05 -10.69
N TYR D 140 -34.76 19.46 -11.84
CA TYR D 140 -34.29 20.02 -13.10
C TYR D 140 -35.33 20.05 -14.21
N LYS D 141 -36.56 19.63 -13.93
CA LYS D 141 -37.62 19.85 -14.90
C LYS D 141 -37.75 21.30 -15.29
N SER D 142 -37.31 22.23 -14.45
CA SER D 142 -37.42 23.64 -14.78
C SER D 142 -36.40 24.07 -15.84
N VAL D 143 -35.47 23.20 -16.19
CA VAL D 143 -34.44 23.57 -17.15
C VAL D 143 -34.55 22.77 -18.44
N VAL D 144 -34.98 21.52 -18.37
CA VAL D 144 -34.87 20.64 -19.52
C VAL D 144 -36.13 20.75 -20.37
N GLU D 145 -36.23 19.86 -21.35
CA GLU D 145 -37.42 19.68 -22.19
C GLU D 145 -37.57 18.18 -22.39
N ASN D 146 -38.56 17.77 -23.18
CA ASN D 146 -38.68 16.35 -23.41
C ASN D 146 -37.72 15.90 -24.51
N VAL D 147 -37.27 14.66 -24.40
CA VAL D 147 -36.12 14.19 -25.17
C VAL D 147 -36.47 12.97 -25.98
N ASP D 148 -35.65 12.70 -27.01
CA ASP D 148 -35.77 11.52 -27.84
C ASP D 148 -35.08 10.32 -27.22
N VAL D 149 -34.06 10.56 -26.40
CA VAL D 149 -33.24 9.48 -25.89
C VAL D 149 -32.96 9.78 -24.43
N LEU D 150 -33.11 8.76 -23.59
CA LEU D 150 -32.71 8.77 -22.19
C LEU D 150 -31.56 7.78 -22.04
N TYR D 151 -30.41 8.29 -21.65
CA TYR D 151 -29.20 7.50 -21.53
C TYR D 151 -28.79 7.53 -20.07
N VAL D 152 -28.73 6.37 -19.44
CA VAL D 152 -28.62 6.28 -17.98
C VAL D 152 -27.44 5.39 -17.64
N ASP D 153 -26.49 5.95 -16.90
CA ASP D 153 -25.33 5.24 -16.44
C ASP D 153 -25.02 5.82 -15.06
N ILE D 154 -25.84 5.45 -14.07
CA ILE D 154 -25.66 5.90 -12.70
C ILE D 154 -25.41 4.69 -11.84
N ALA D 155 -24.46 4.83 -10.90
CA ALA D 155 -24.22 3.77 -9.91
C ALA D 155 -25.18 4.04 -8.77
N GLN D 156 -26.32 3.38 -8.81
CA GLN D 156 -27.33 3.35 -7.76
C GLN D 156 -27.95 1.97 -7.77
N PRO D 157 -28.33 1.45 -6.60
CA PRO D 157 -28.96 0.11 -6.59
C PRO D 157 -30.32 0.10 -7.26
N ASP D 158 -31.08 1.18 -7.16
CA ASP D 158 -32.35 1.29 -7.87
C ASP D 158 -32.21 2.08 -9.16
N GLN D 159 -31.08 1.90 -9.87
CA GLN D 159 -30.83 2.65 -11.10
C GLN D 159 -31.97 2.50 -12.11
N THR D 160 -32.46 1.28 -12.27
CA THR D 160 -33.51 1.04 -13.26
C THR D 160 -34.79 1.77 -12.89
N ASP D 161 -35.12 1.81 -11.60
CA ASP D 161 -36.29 2.57 -11.15
C ASP D 161 -36.09 4.06 -11.38
N ILE D 162 -34.89 4.56 -11.07
CA ILE D 162 -34.59 5.97 -11.34
C ILE D 162 -34.72 6.27 -12.83
N ALA D 163 -34.23 5.36 -13.67
CA ALA D 163 -34.34 5.57 -15.12
C ALA D 163 -35.81 5.65 -15.53
N ILE D 164 -36.61 4.71 -15.02
CA ILE D 164 -38.04 4.66 -15.34
C ILE D 164 -38.73 5.92 -14.87
N TYR D 165 -38.37 6.41 -13.69
CA TYR D 165 -38.98 7.62 -13.15
C TYR D 165 -38.65 8.83 -14.05
N ASN D 166 -37.41 8.93 -14.53
CA ASN D 166 -37.09 10.05 -15.40
C ASN D 166 -37.78 9.90 -16.76
N ALA D 167 -38.00 8.68 -17.22
CA ALA D 167 -38.70 8.49 -18.48
C ALA D 167 -40.12 9.03 -18.38
N LYS D 168 -40.82 8.76 -17.27
CA LYS D 168 -42.20 9.26 -17.12
C LYS D 168 -42.25 10.77 -17.19
N PHE D 169 -41.17 11.43 -16.79
CA PHE D 169 -41.13 12.88 -16.86
C PHE D 169 -40.79 13.34 -18.27
N PHE D 170 -39.77 12.76 -18.89
CA PHE D 170 -39.02 13.45 -19.91
C PHE D 170 -38.89 12.71 -21.25
N LEU D 171 -39.05 11.41 -21.30
CA LEU D 171 -38.84 10.67 -22.54
C LEU D 171 -40.14 10.69 -23.33
N LYS D 172 -40.06 11.19 -24.57
CA LYS D 172 -41.18 11.13 -25.49
C LYS D 172 -41.68 9.68 -25.60
N VAL D 173 -42.99 9.54 -25.79
CA VAL D 173 -43.53 8.24 -26.12
C VAL D 173 -42.92 7.79 -27.44
N ASN D 174 -42.56 6.50 -27.51
CA ASN D 174 -41.84 5.90 -28.62
C ASN D 174 -40.38 6.36 -28.70
N GLY D 175 -39.91 7.14 -27.74
CA GLY D 175 -38.48 7.39 -27.60
C GLY D 175 -37.72 6.16 -27.13
N ASP D 176 -36.42 6.33 -26.98
CA ASP D 176 -35.57 5.20 -26.65
C ASP D 176 -34.81 5.44 -25.34
N MET D 177 -34.49 4.35 -24.67
CA MET D 177 -33.66 4.36 -23.47
C MET D 177 -32.45 3.47 -23.68
N LEU D 178 -31.28 4.02 -23.45
CA LEU D 178 -30.07 3.24 -23.29
C LEU D 178 -29.75 3.19 -21.81
N LEU D 179 -29.87 2.01 -21.21
CA LEU D 179 -29.68 1.84 -19.78
C LEU D 179 -28.47 0.93 -19.55
N VAL D 180 -27.43 1.48 -18.91
CA VAL D 180 -26.33 0.65 -18.45
C VAL D 180 -26.74 -0.03 -17.15
N ILE D 181 -26.49 -1.33 -17.05
CA ILE D 181 -26.78 -2.07 -15.84
C ILE D 181 -25.43 -2.36 -15.20
N LYS D 182 -25.17 -1.74 -14.05
CA LYS D 182 -23.90 -1.89 -13.34
C LYS D 182 -24.12 -2.90 -12.20
N ALA D 183 -23.83 -4.17 -12.51
CA ALA D 183 -24.26 -5.26 -11.64
C ALA D 183 -23.60 -5.20 -10.26
N ARG D 184 -22.30 -4.92 -10.19
CA ARG D 184 -21.68 -4.84 -8.87
C ARG D 184 -22.18 -3.67 -8.05
N SER D 185 -22.83 -2.69 -8.68
CA SER D 185 -23.44 -1.60 -7.93
C SER D 185 -24.90 -1.85 -7.60
N ILE D 186 -25.53 -2.84 -8.23
CA ILE D 186 -26.88 -3.21 -7.84
C ILE D 186 -26.85 -4.21 -6.69
N ASP D 187 -26.08 -5.29 -6.82
CA ASP D 187 -25.91 -6.25 -5.72
C ASP D 187 -24.62 -7.01 -6.00
N VAL D 188 -23.57 -6.68 -5.24
CA VAL D 188 -22.28 -7.29 -5.50
C VAL D 188 -22.28 -8.80 -5.22
N THR D 189 -23.22 -9.29 -4.41
CA THR D 189 -23.22 -10.71 -4.09
C THR D 189 -23.87 -11.55 -5.19
N LYS D 190 -24.67 -10.95 -6.05
CA LYS D 190 -25.41 -11.69 -7.06
C LYS D 190 -24.63 -11.80 -8.36
N ASP D 191 -24.94 -12.85 -9.10
CA ASP D 191 -24.34 -13.03 -10.41
C ASP D 191 -24.91 -12.00 -11.38
N PRO D 192 -24.07 -11.30 -12.14
CA PRO D 192 -24.58 -10.29 -13.08
C PRO D 192 -25.63 -10.82 -14.04
N LYS D 193 -25.50 -12.08 -14.48
CA LYS D 193 -26.47 -12.62 -15.42
C LYS D 193 -27.87 -12.55 -14.84
N GLU D 194 -28.02 -12.83 -13.54
CA GLU D 194 -29.32 -12.72 -12.90
C GLU D 194 -29.79 -11.28 -12.86
N ILE D 195 -28.89 -10.36 -12.51
CA ILE D 195 -29.25 -8.95 -12.41
C ILE D 195 -29.81 -8.46 -13.74
N TYR D 196 -29.09 -8.73 -14.83
CA TYR D 196 -29.54 -8.30 -16.15
C TYR D 196 -30.97 -8.78 -16.41
N LYS D 197 -31.22 -10.07 -16.20
CA LYS D 197 -32.57 -10.60 -16.33
C LYS D 197 -33.56 -9.81 -15.47
N THR D 198 -33.18 -9.54 -14.22
CA THR D 198 -34.12 -8.88 -13.30
C THR D 198 -34.43 -7.45 -13.76
N GLU D 199 -33.39 -6.68 -14.11
CA GLU D 199 -33.62 -5.28 -14.46
C GLU D 199 -34.42 -5.15 -15.75
N VAL D 200 -34.16 -6.01 -16.74
CA VAL D 200 -34.93 -5.92 -17.98
C VAL D 200 -36.38 -6.26 -17.71
N GLU D 201 -36.62 -7.23 -16.82
CA GLU D 201 -37.98 -7.55 -16.39
C GLU D 201 -38.71 -6.30 -15.89
N LYS D 202 -38.09 -5.56 -14.97
CA LYS D 202 -38.62 -4.25 -14.54
C LYS D 202 -39.02 -3.42 -15.74
N LEU D 203 -38.09 -3.25 -16.68
CA LEU D 203 -38.32 -2.38 -17.83
C LEU D 203 -39.52 -2.85 -18.62
N GLU D 204 -39.62 -4.14 -18.89
CA GLU D 204 -40.75 -4.61 -19.69
C GLU D 204 -42.05 -4.48 -18.91
N ASN D 205 -41.96 -4.59 -17.59
CA ASN D 205 -43.13 -4.32 -16.75
C ASN D 205 -43.50 -2.85 -16.74
N SER D 206 -42.61 -1.96 -17.14
CA SER D 206 -42.91 -0.54 -17.14
C SER D 206 -43.22 -0.04 -18.53
N ASN D 207 -43.54 -0.94 -19.46
CA ASN D 207 -43.96 -0.58 -20.80
C ASN D 207 -42.78 -0.12 -21.65
N PHE D 208 -41.64 -0.80 -21.50
CA PHE D 208 -40.47 -0.61 -22.35
C PHE D 208 -40.26 -1.87 -23.19
N GLU D 209 -40.45 -1.74 -24.50
CA GLU D 209 -40.19 -2.83 -25.45
C GLU D 209 -38.69 -3.02 -25.53
N THR D 210 -38.20 -4.14 -25.04
CA THR D 210 -36.79 -4.47 -25.21
C THR D 210 -36.45 -4.56 -26.69
N ILE D 211 -35.36 -3.94 -27.10
CA ILE D 211 -34.85 -4.03 -28.46
C ILE D 211 -33.60 -4.90 -28.54
N GLN D 212 -32.61 -4.61 -27.71
CA GLN D 212 -31.39 -5.38 -27.71
C GLN D 212 -30.71 -5.25 -26.36
N ILE D 213 -30.06 -6.33 -25.94
CA ILE D 213 -29.29 -6.37 -24.72
C ILE D 213 -27.87 -6.79 -25.08
N ILE D 214 -26.91 -6.02 -24.62
CA ILE D 214 -25.52 -6.18 -25.02
C ILE D 214 -24.66 -6.32 -23.78
N ASN D 215 -23.84 -7.34 -23.75
CA ASN D 215 -22.85 -7.50 -22.70
C ASN D 215 -21.61 -6.71 -23.07
N LEU D 216 -21.09 -5.94 -22.11
CA LEU D 216 -20.02 -4.99 -22.40
C LEU D 216 -18.61 -5.57 -22.21
N ASP D 217 -18.50 -6.81 -21.76
CA ASP D 217 -17.20 -7.45 -21.67
C ASP D 217 -16.60 -7.57 -23.07
N PRO D 218 -15.29 -7.27 -23.25
CA PRO D 218 -14.27 -6.89 -22.27
C PRO D 218 -14.13 -5.37 -22.00
N TYR D 219 -14.98 -4.54 -22.60
CA TYR D 219 -14.84 -3.12 -22.42
C TYR D 219 -15.18 -2.70 -20.99
N ASP D 220 -16.06 -3.46 -20.33
CA ASP D 220 -16.41 -3.28 -18.93
C ASP D 220 -16.79 -4.62 -18.33
N LYS D 221 -16.27 -4.91 -17.15
CA LYS D 221 -16.63 -6.11 -16.45
C LYS D 221 -17.95 -5.91 -15.72
N ASP D 222 -18.78 -6.95 -15.74
CA ASP D 222 -20.02 -6.98 -14.97
C ASP D 222 -20.93 -5.81 -15.34
N HIS D 223 -20.98 -5.51 -16.64
CA HIS D 223 -21.83 -4.49 -17.20
C HIS D 223 -22.57 -5.03 -18.41
N ALA D 224 -23.84 -4.64 -18.52
CA ALA D 224 -24.62 -4.79 -19.72
C ALA D 224 -25.25 -3.44 -20.07
N ILE D 225 -25.75 -3.33 -21.30
CA ILE D 225 -26.44 -2.11 -21.72
C ILE D 225 -27.66 -2.55 -22.50
N VAL D 226 -28.79 -1.92 -22.22
CA VAL D 226 -30.09 -2.32 -22.76
C VAL D 226 -30.63 -1.19 -23.59
N LEU D 227 -31.12 -1.52 -24.80
CA LEU D 227 -31.84 -0.56 -25.64
C LEU D 227 -33.32 -0.92 -25.64
N SER D 228 -34.16 0.02 -25.22
CA SER D 228 -35.60 -0.20 -25.18
C SER D 228 -36.33 0.99 -25.77
N LYS D 229 -37.52 0.72 -26.33
CA LYS D 229 -38.41 1.75 -26.83
C LYS D 229 -39.52 1.94 -25.80
N TYR D 230 -39.69 3.17 -25.35
CA TYR D 230 -40.68 3.50 -24.33
C TYR D 230 -42.04 3.63 -24.99
N LYS D 231 -42.97 2.77 -24.58
CA LYS D 231 -44.28 2.73 -25.22
C LYS D 231 -45.29 3.69 -24.59
N GLY D 232 -45.00 4.24 -23.40
CA GLY D 232 -45.76 5.38 -22.91
C GLY D 232 -46.41 5.23 -21.55
N SAH I . 14.46 -21.66 12.97
CA SAH I . 13.88 -20.36 13.28
CB SAH I . 13.39 -19.61 12.01
CG SAH I . 13.98 -20.09 10.69
SD SAH I . 13.69 -18.86 9.36
C SAH I . 12.76 -20.43 14.34
O SAH I . 12.64 -19.53 15.17
OXT SAH I . 11.97 -21.39 14.39
C5' SAH I . 14.97 -19.58 8.25
C4' SAH I . 16.35 -19.03 8.56
O4' SAH I . 17.37 -19.78 7.93
C3' SAH I . 16.53 -17.58 8.09
O3' SAH I . 17.00 -16.81 9.17
C2' SAH I . 17.68 -17.65 7.11
O2' SAH I . 18.52 -16.52 7.25
C1' SAH I . 18.40 -18.90 7.55
N9 SAH I . 19.26 -19.43 6.49
C8 SAH I . 18.92 -19.66 5.18
N7 SAH I . 19.99 -20.14 4.54
C5 SAH I . 21.02 -20.21 5.42
C6 SAH I . 22.33 -20.62 5.28
N6 SAH I . 22.76 -21.05 4.10
N1 SAH I . 23.18 -20.59 6.37
C2 SAH I . 22.71 -20.16 7.60
N3 SAH I . 21.39 -19.73 7.73
C4 SAH I . 20.57 -19.77 6.65
N SAH J . -21.56 8.03 -17.98
CA SAH J . -20.24 8.53 -17.57
CB SAH J . -19.60 7.68 -16.43
CG SAH J . -20.62 7.29 -15.34
SD SAH J . -19.88 7.12 -13.68
C SAH J . -19.33 8.80 -18.80
O SAH J . -18.11 8.63 -18.85
OXT SAH J . -19.82 9.24 -19.83
C5' SAH J . -21.48 6.95 -12.81
C4' SAH J . -21.89 8.34 -12.40
O4' SAH J . -23.22 8.39 -11.91
C3' SAH J . -21.01 8.92 -11.30
O3' SAH J . -20.45 10.08 -11.85
C2' SAH J . -21.98 9.28 -10.18
O2' SAH J . -21.59 10.45 -9.48
C1' SAH J . -23.27 9.43 -10.97
N9 SAH J . -24.47 9.27 -10.14
C8 SAH J . -24.73 8.23 -9.29
N7 SAH J . -25.92 8.47 -8.74
C5 SAH J . -26.42 9.62 -9.23
C6 SAH J . -27.60 10.29 -8.97
N6 SAH J . -28.49 9.82 -8.11
N1 SAH J . -27.85 11.47 -9.66
C2 SAH J . -26.92 11.98 -10.55
N3 SAH J . -25.74 11.30 -10.76
C4 SAH J . -25.52 10.12 -10.12
#